data_5JCL
#
_entry.id   5JCL
#
_cell.length_a   78.249
_cell.length_b   85.518
_cell.length_c   131.263
_cell.angle_alpha   90.000
_cell.angle_beta   90.000
_cell.angle_gamma   90.000
#
_symmetry.space_group_name_H-M   'P 21 21 21'
#
loop_
_entity.id
_entity.type
_entity.pdbx_description
1 polymer 'Os09g0567300 protein'
2 non-polymer 'FLAVIN-ADENINE DINUCLEOTIDE'
3 non-polymer 'NADPH DIHYDRO-NICOTINAMIDE-ADENINE-DINUCLEOTIDE PHOSPHATE'
4 water water
#
_entity_poly.entity_id   1
_entity_poly.type   'polypeptide(L)'
_entity_poly.pdbx_seq_one_letter_code
;HHHHHHASENLYFQGAMASEKHFKYVILGGGVAAGYAAREFAKQGVKPGELAIISKEAVAPYERPALSKGYLFPQNAARL
PGFHVCVGSGGERLLPEWYSEKGIELILSTEIVKADLASKTLTSAVGATFTYEILIIATGSSVIKLSDFGTQGADSNNIL
YLREVDDADKLVAAIQAKKGGKAVIVGGGYIGLELSAALKINDFDVTMVFPAPWCMPRLFTADIAAFYESYYTNKGVKIV
KGTVAVGFDADANGDVTAVNLKNGSVLEADIVVVGVGGRPLTTLFKGQVAEEKGGIKTDAFFETSVPGVYAVGDVATFPM
KMYNELRRVEHVDHARKSAEQAVKAIKGKESGESVVEYDYLPYFYSRSFDLGWQFYGDNVGDTILFGDSDPTSAKPKFGS
YWIKDGKVLGAFLEGGSPDENKAIAKVAKTQPPVANIEELKKEGLQFASKI
;
_entity_poly.pdbx_strand_id   A,B
#
loop_
_chem_comp.id
_chem_comp.type
_chem_comp.name
_chem_comp.formula
FAD non-polymer 'FLAVIN-ADENINE DINUCLEOTIDE' 'C27 H33 N9 O15 P2'
NDP non-polymer 'NADPH DIHYDRO-NICOTINAMIDE-ADENINE-DINUCLEOTIDE PHOSPHATE' 'C21 H30 N7 O17 P3'
#
# COMPACT_ATOMS: atom_id res chain seq x y z
N GLU A 20 4.91 -17.40 -29.41
CA GLU A 20 3.85 -16.36 -29.57
C GLU A 20 2.69 -16.69 -28.67
N LYS A 21 2.30 -15.72 -27.84
CA LYS A 21 1.30 -15.88 -26.78
C LYS A 21 -0.08 -15.36 -27.19
N HIS A 22 -1.14 -16.02 -26.73
CA HIS A 22 -2.50 -15.72 -27.19
C HIS A 22 -3.43 -15.47 -25.98
N PHE A 23 -4.12 -14.33 -25.98
CA PHE A 23 -5.03 -13.94 -24.88
C PHE A 23 -6.30 -13.41 -25.49
N LYS A 24 -7.40 -13.65 -24.80
CA LYS A 24 -8.63 -13.06 -25.18
C LYS A 24 -8.59 -11.53 -24.98
N TYR A 25 -8.17 -11.15 -23.76
CA TYR A 25 -8.03 -9.71 -23.42
C TYR A 25 -6.58 -9.29 -23.22
N VAL A 26 -6.16 -8.25 -23.94
CA VAL A 26 -4.83 -7.65 -23.70
C VAL A 26 -4.98 -6.15 -23.33
N ILE A 27 -4.39 -5.83 -22.18
CA ILE A 27 -4.19 -4.43 -21.81
C ILE A 27 -2.75 -4.07 -22.13
N LEU A 28 -2.59 -3.08 -22.99
CA LEU A 28 -1.27 -2.58 -23.35
C LEU A 28 -0.95 -1.36 -22.49
N GLY A 29 0.05 -1.52 -21.64
CA GLY A 29 0.38 -0.50 -20.60
C GLY A 29 0.14 -1.03 -19.20
N GLY A 30 1.01 -0.70 -18.25
CA GLY A 30 0.89 -1.21 -16.87
C GLY A 30 0.71 -0.10 -15.82
N GLY A 31 -0.10 0.85 -16.21
CA GLY A 31 -0.28 2.14 -15.43
C GLY A 31 -1.60 2.20 -14.67
N VAL A 32 -2.10 3.42 -14.39
CA VAL A 32 -3.32 3.58 -13.61
C VAL A 32 -4.54 2.92 -14.29
N ALA A 33 -4.81 3.28 -15.53
CA ALA A 33 -5.91 2.71 -16.25
C ALA A 33 -5.79 1.17 -16.37
N ALA A 34 -4.61 0.64 -16.67
CA ALA A 34 -4.45 -0.82 -16.75
C ALA A 34 -4.87 -1.51 -15.44
N GLY A 35 -4.37 -1.02 -14.32
CA GLY A 35 -4.71 -1.62 -13.05
C GLY A 35 -6.17 -1.50 -12.73
N TYR A 36 -6.77 -0.37 -13.01
CA TYR A 36 -8.20 -0.24 -12.68
C TYR A 36 -9.03 -1.10 -13.66
N ALA A 37 -8.58 -1.23 -14.91
CA ALA A 37 -9.17 -2.20 -15.82
C ALA A 37 -9.09 -3.62 -15.25
N ALA A 38 -7.93 -4.01 -14.74
CA ALA A 38 -7.75 -5.35 -14.16
C ALA A 38 -8.73 -5.61 -13.05
N ARG A 39 -8.89 -4.62 -12.14
CA ARG A 39 -9.81 -4.82 -11.02
C ARG A 39 -11.22 -5.03 -11.51
N GLU A 40 -11.64 -4.19 -12.46
CA GLU A 40 -12.98 -4.31 -13.00
C GLU A 40 -13.20 -5.67 -13.73
N PHE A 41 -12.21 -6.14 -14.45
CA PHE A 41 -12.33 -7.43 -15.13
C PHE A 41 -12.63 -8.50 -14.09
N ALA A 42 -11.90 -8.46 -12.98
CA ALA A 42 -12.12 -9.41 -11.89
C ALA A 42 -13.48 -9.25 -11.24
N LYS A 43 -14.00 -8.03 -11.21
CA LYS A 43 -15.37 -7.77 -10.76
C LYS A 43 -16.36 -8.40 -11.73
N GLN A 44 -16.02 -8.39 -13.02
CA GLN A 44 -16.89 -8.84 -14.09
C GLN A 44 -16.79 -10.32 -14.46
N GLY A 45 -15.97 -11.09 -13.76
CA GLY A 45 -15.89 -12.52 -13.92
C GLY A 45 -14.86 -13.05 -14.90
N VAL A 46 -13.73 -12.37 -14.99
CA VAL A 46 -12.68 -12.77 -15.90
C VAL A 46 -12.05 -14.08 -15.40
N LYS A 47 -11.88 -15.06 -16.29
CA LYS A 47 -11.35 -16.40 -15.93
C LYS A 47 -9.85 -16.55 -16.09
N PRO A 48 -9.19 -17.41 -15.27
CA PRO A 48 -7.72 -17.50 -15.39
C PRO A 48 -7.32 -17.81 -16.82
N GLY A 49 -6.21 -17.23 -17.28
CA GLY A 49 -5.76 -17.42 -18.65
C GLY A 49 -6.30 -16.44 -19.67
N GLU A 50 -7.42 -15.74 -19.39
CA GLU A 50 -8.01 -14.83 -20.40
C GLU A 50 -7.34 -13.43 -20.59
N LEU A 51 -6.70 -12.94 -19.54
CA LEU A 51 -6.30 -11.48 -19.50
C LEU A 51 -4.84 -11.35 -19.30
N ALA A 52 -4.23 -10.50 -20.14
CA ALA A 52 -2.84 -10.14 -19.94
C ALA A 52 -2.66 -8.59 -19.96
N ILE A 53 -1.68 -8.16 -19.16
CA ILE A 53 -1.28 -6.73 -19.16
C ILE A 53 0.14 -6.73 -19.60
N ILE A 54 0.45 -5.96 -20.60
CA ILE A 54 1.83 -5.89 -21.06
C ILE A 54 2.41 -4.50 -20.75
N SER A 55 3.46 -4.50 -19.96
CA SER A 55 4.10 -3.27 -19.53
C SER A 55 5.60 -3.24 -19.68
N LYS A 56 6.07 -2.06 -20.13
CA LYS A 56 7.49 -1.77 -20.13
C LYS A 56 8.07 -1.51 -18.75
N GLU A 57 7.21 -1.20 -17.75
CA GLU A 57 7.70 -1.11 -16.38
C GLU A 57 8.00 -2.46 -15.74
N ALA A 58 8.85 -2.44 -14.70
CA ALA A 58 9.28 -3.66 -14.01
C ALA A 58 8.41 -4.04 -12.81
N VAL A 59 7.26 -3.37 -12.64
CA VAL A 59 6.38 -3.55 -11.47
C VAL A 59 4.96 -3.53 -11.90
N ALA A 60 4.09 -4.08 -11.07
CA ALA A 60 2.66 -4.06 -11.33
C ALA A 60 2.13 -2.61 -11.20
N PRO A 61 1.00 -2.30 -11.84
CA PRO A 61 0.29 -1.05 -11.89
C PRO A 61 0.18 -0.34 -10.51
N TYR A 62 0.53 0.95 -10.56
CA TYR A 62 0.61 1.71 -9.31
C TYR A 62 -0.08 3.10 -9.48
N GLU A 63 -0.34 3.77 -8.33
CA GLU A 63 -1.02 5.01 -8.30
C GLU A 63 0.09 6.05 -8.52
N ARG A 64 0.18 6.44 -9.77
CA ARG A 64 1.21 7.37 -10.28
C ARG A 64 1.29 8.67 -9.52
N PRO A 65 0.18 9.19 -9.02
CA PRO A 65 0.30 10.45 -8.27
C PRO A 65 1.20 10.43 -7.07
N ALA A 66 1.43 9.26 -6.45
CA ALA A 66 2.34 9.25 -5.28
C ALA A 66 3.80 9.67 -5.62
N LEU A 67 4.20 9.56 -6.91
CA LEU A 67 5.56 9.73 -7.27
C LEU A 67 6.02 11.19 -7.02
N SER A 68 5.15 12.14 -7.16
CA SER A 68 5.50 13.57 -6.96
C SER A 68 5.16 14.05 -5.57
N LYS A 69 4.70 13.17 -4.71
CA LYS A 69 4.17 13.58 -3.42
C LYS A 69 4.85 12.69 -2.37
N GLY A 70 4.19 11.62 -1.89
CA GLY A 70 4.76 10.82 -0.80
C GLY A 70 6.03 10.07 -1.08
N TYR A 71 6.28 9.78 -2.35
CA TYR A 71 7.55 9.18 -2.73
C TYR A 71 8.74 9.97 -2.36
N LEU A 72 8.59 11.30 -2.32
CA LEU A 72 9.71 12.18 -2.13
C LEU A 72 9.88 12.66 -0.69
N PHE A 73 9.04 12.19 0.24
CA PHE A 73 9.17 12.65 1.65
C PHE A 73 10.53 12.20 2.17
N PRO A 74 11.25 13.08 2.89
CA PRO A 74 12.53 12.54 3.42
C PRO A 74 12.39 11.41 4.49
N GLN A 75 11.26 11.33 5.16
CA GLN A 75 10.95 10.22 6.09
C GLN A 75 9.64 9.60 5.77
N ASN A 76 9.49 8.31 6.09
CA ASN A 76 8.23 7.60 5.91
C ASN A 76 7.63 7.91 4.54
N ALA A 77 8.49 7.71 3.55
CA ALA A 77 8.11 7.90 2.14
C ALA A 77 7.22 6.74 1.63
N ALA A 78 6.42 7.05 0.65
CA ALA A 78 5.68 6.05 -0.09
C ALA A 78 6.67 5.23 -0.96
N ARG A 79 6.45 3.90 -1.03
CA ARG A 79 7.32 2.97 -1.76
C ARG A 79 6.46 1.83 -2.21
N LEU A 80 6.82 1.21 -3.33
CA LEU A 80 6.12 -0.02 -3.76
C LEU A 80 6.60 -1.12 -2.82
N PRO A 81 5.74 -2.07 -2.49
CA PRO A 81 4.43 -2.30 -3.04
C PRO A 81 3.30 -1.52 -2.35
N GLY A 82 3.63 -0.60 -1.43
CA GLY A 82 2.61 0.23 -0.85
C GLY A 82 1.57 0.82 -1.75
N PHE A 83 1.98 1.56 -2.83
CA PHE A 83 1.03 2.32 -3.58
C PHE A 83 0.57 1.74 -4.87
N HIS A 84 0.54 0.40 -4.94
CA HIS A 84 -0.10 -0.23 -6.07
C HIS A 84 -1.51 0.17 -6.12
N VAL A 85 -2.14 0.15 -7.29
CA VAL A 85 -3.55 0.41 -7.40
C VAL A 85 -4.20 -0.74 -6.56
N CYS A 86 -5.42 -0.54 -6.04
CA CYS A 86 -6.23 0.66 -6.16
C CYS A 86 -6.31 1.55 -4.85
N VAL A 87 -5.26 1.50 -4.05
CA VAL A 87 -5.26 2.20 -2.75
C VAL A 87 -5.43 3.71 -2.88
N GLY A 88 -5.13 4.30 -4.03
CA GLY A 88 -5.19 5.75 -4.19
C GLY A 88 -6.62 6.29 -4.21
N SER A 89 -7.63 5.42 -4.46
CA SER A 89 -9.04 5.84 -4.49
C SER A 89 -9.82 5.15 -3.40
N GLY A 90 -9.10 4.51 -2.48
CA GLY A 90 -9.64 3.83 -1.35
C GLY A 90 -10.13 2.45 -1.71
N GLY A 91 -9.35 1.71 -2.52
CA GLY A 91 -9.70 0.37 -2.95
C GLY A 91 -8.65 -0.59 -2.51
N GLU A 92 -8.87 -1.88 -2.78
CA GLU A 92 -7.98 -2.97 -2.46
C GLU A 92 -6.67 -2.78 -3.21
N ARG A 93 -5.62 -3.23 -2.57
CA ARG A 93 -4.31 -3.19 -3.14
C ARG A 93 -4.15 -4.45 -3.97
N LEU A 94 -3.76 -4.28 -5.22
CA LEU A 94 -3.47 -5.37 -6.18
C LEU A 94 -2.01 -5.67 -6.23
N LEU A 95 -1.53 -6.57 -5.39
CA LEU A 95 -0.11 -6.92 -5.37
C LEU A 95 0.13 -7.80 -6.64
N PRO A 96 1.38 -8.01 -7.04
CA PRO A 96 1.54 -9.01 -8.14
C PRO A 96 0.83 -10.34 -7.82
N GLU A 97 0.96 -10.84 -6.58
CA GLU A 97 0.27 -12.10 -6.19
C GLU A 97 -1.21 -12.10 -6.42
N TRP A 98 -1.86 -10.93 -6.35
CA TRP A 98 -3.28 -10.80 -6.69
C TRP A 98 -3.50 -11.22 -8.13
N TYR A 99 -2.59 -10.80 -9.01
CA TYR A 99 -2.74 -11.06 -10.46
C TYR A 99 -2.52 -12.57 -10.75
N SER A 100 -1.45 -13.14 -10.19
CA SER A 100 -1.13 -14.56 -10.34
C SER A 100 -2.19 -15.52 -9.73
N GLU A 101 -2.74 -15.14 -8.59
CA GLU A 101 -3.86 -15.86 -8.00
C GLU A 101 -5.12 -15.82 -8.84
N LYS A 102 -5.32 -14.79 -9.66
CA LYS A 102 -6.53 -14.77 -10.54
C LYS A 102 -6.25 -15.20 -11.99
N GLY A 103 -5.04 -15.68 -12.24
CA GLY A 103 -4.65 -16.06 -13.59
C GLY A 103 -4.68 -14.91 -14.57
N ILE A 104 -4.33 -13.69 -14.11
CA ILE A 104 -4.19 -12.49 -15.00
C ILE A 104 -2.71 -12.38 -15.14
N GLU A 105 -2.21 -12.39 -16.38
CA GLU A 105 -0.78 -12.50 -16.54
C GLU A 105 -0.21 -11.11 -16.67
N LEU A 106 0.78 -10.80 -15.84
CA LEU A 106 1.55 -9.58 -15.98
C LEU A 106 2.81 -9.88 -16.76
N ILE A 107 2.91 -9.27 -17.92
CA ILE A 107 4.09 -9.41 -18.74
C ILE A 107 4.89 -8.11 -18.55
N LEU A 108 5.80 -8.09 -17.59
CA LEU A 108 6.52 -6.85 -17.21
C LEU A 108 7.82 -6.72 -18.01
N SER A 109 8.46 -5.56 -17.95
CA SER A 109 9.72 -5.32 -18.64
C SER A 109 9.67 -5.67 -20.11
N THR A 110 8.50 -5.42 -20.69
CA THR A 110 8.21 -5.74 -22.05
C THR A 110 7.68 -4.54 -22.79
N GLU A 111 8.49 -3.98 -23.70
CA GLU A 111 8.05 -2.85 -24.44
C GLU A 111 7.54 -3.28 -25.80
N ILE A 112 6.32 -2.88 -26.14
CA ILE A 112 5.75 -3.12 -27.47
C ILE A 112 6.28 -2.07 -28.41
N VAL A 113 6.97 -2.54 -29.44
CA VAL A 113 7.49 -1.69 -30.49
C VAL A 113 6.65 -1.82 -31.76
N LYS A 114 5.82 -2.88 -31.82
CA LYS A 114 4.90 -3.01 -32.91
C LYS A 114 3.50 -3.53 -32.59
N ALA A 115 2.51 -2.79 -33.08
CA ALA A 115 1.11 -3.14 -32.95
C ALA A 115 0.42 -3.24 -34.31
N ASP A 116 0.00 -4.47 -34.68
CA ASP A 116 -0.71 -4.64 -35.97
C ASP A 116 -2.19 -4.95 -35.75
N LEU A 117 -3.00 -3.91 -35.88
CA LEU A 117 -4.40 -4.03 -35.52
C LEU A 117 -5.15 -4.90 -36.53
N ALA A 118 -4.65 -5.00 -37.77
CA ALA A 118 -5.27 -5.85 -38.81
C ALA A 118 -5.09 -7.26 -38.36
N SER A 119 -3.88 -7.64 -37.97
CA SER A 119 -3.65 -9.00 -37.49
C SER A 119 -3.93 -9.23 -36.01
N LYS A 120 -4.17 -8.18 -35.26
CA LYS A 120 -4.31 -8.31 -33.80
C LYS A 120 -3.10 -8.96 -33.18
N THR A 121 -1.96 -8.40 -33.58
CA THR A 121 -0.69 -8.87 -33.10
C THR A 121 0.22 -7.71 -32.60
N LEU A 122 0.87 -7.99 -31.47
CA LEU A 122 1.79 -7.05 -30.85
C LEU A 122 3.08 -7.77 -30.78
N THR A 123 4.13 -7.01 -31.08
CA THR A 123 5.51 -7.48 -31.07
C THR A 123 6.34 -6.59 -30.17
N SER A 124 7.11 -7.24 -29.30
CA SER A 124 7.94 -6.57 -28.34
C SER A 124 9.29 -6.20 -28.93
N ALA A 125 10.10 -5.51 -28.12
CA ALA A 125 11.42 -5.08 -28.53
C ALA A 125 12.37 -6.26 -28.82
N VAL A 126 12.17 -7.34 -28.07
CA VAL A 126 12.98 -8.55 -28.12
C VAL A 126 12.55 -9.49 -29.28
N GLY A 127 11.56 -9.08 -30.08
CA GLY A 127 11.01 -9.90 -31.14
C GLY A 127 9.74 -10.67 -30.77
N ALA A 128 9.44 -10.80 -29.48
CA ALA A 128 8.31 -11.62 -28.99
C ALA A 128 6.98 -11.14 -29.51
N THR A 129 6.01 -12.06 -29.56
CA THR A 129 4.71 -11.81 -30.18
C THR A 129 3.53 -12.22 -29.26
N PHE A 130 2.43 -11.48 -29.42
CA PHE A 130 1.28 -11.49 -28.52
C PHE A 130 0.05 -11.21 -29.35
N THR A 131 -0.97 -12.07 -29.21
CA THR A 131 -2.26 -11.86 -29.88
C THR A 131 -3.39 -11.64 -28.85
N TYR A 132 -4.41 -10.93 -29.29
CA TYR A 132 -5.59 -10.63 -28.51
C TYR A 132 -6.82 -10.74 -29.38
N GLU A 133 -7.97 -10.93 -28.75
CA GLU A 133 -9.23 -10.64 -29.42
C GLU A 133 -9.70 -9.22 -29.13
N ILE A 134 -9.55 -8.84 -27.83
CA ILE A 134 -9.90 -7.47 -27.39
C ILE A 134 -8.63 -6.82 -26.86
N LEU A 135 -8.37 -5.63 -27.39
CA LEU A 135 -7.18 -4.80 -26.97
C LEU A 135 -7.62 -3.52 -26.22
N ILE A 136 -7.04 -3.31 -25.02
CA ILE A 136 -7.21 -1.99 -24.32
C ILE A 136 -5.85 -1.26 -24.33
N ILE A 137 -5.83 -0.15 -25.03
CA ILE A 137 -4.67 0.71 -25.14
C ILE A 137 -4.60 1.61 -23.92
N ALA A 138 -3.58 1.45 -23.11
CA ALA A 138 -3.54 2.31 -21.86
C ALA A 138 -2.12 2.78 -21.65
N THR A 139 -1.61 3.35 -22.72
CA THR A 139 -0.17 3.66 -22.81
C THR A 139 0.16 5.03 -22.23
N GLY A 140 -0.85 5.79 -21.81
CA GLY A 140 -0.62 7.02 -21.01
C GLY A 140 0.09 8.08 -21.83
N SER A 141 0.91 8.88 -21.16
CA SER A 141 1.58 10.04 -21.78
C SER A 141 3.11 9.93 -21.65
N SER A 142 3.76 10.63 -22.59
CA SER A 142 5.22 10.80 -22.57
C SER A 142 5.49 11.86 -21.50
N VAL A 143 6.77 12.01 -21.15
CA VAL A 143 7.24 13.19 -20.48
C VAL A 143 8.05 14.00 -21.52
N ILE A 144 7.69 15.22 -21.77
CA ILE A 144 8.47 16.08 -22.68
C ILE A 144 9.85 16.41 -22.08
N LYS A 145 10.95 16.27 -22.86
CA LYS A 145 12.31 16.48 -22.29
C LYS A 145 12.93 17.57 -23.06
N LEU A 146 13.83 18.34 -22.42
CA LEU A 146 14.51 19.42 -23.08
C LEU A 146 15.44 18.90 -24.19
N SER A 147 15.88 17.65 -24.07
CA SER A 147 16.61 16.94 -25.11
C SER A 147 15.72 16.75 -26.36
N ASP A 148 14.38 16.72 -26.20
CA ASP A 148 13.52 16.65 -27.39
C ASP A 148 13.64 17.90 -28.27
N PHE A 149 13.92 19.04 -27.61
CA PHE A 149 14.06 20.31 -28.26
C PHE A 149 15.49 20.51 -28.86
N GLY A 150 16.44 19.67 -28.49
CA GLY A 150 17.87 19.81 -28.85
C GLY A 150 18.60 20.87 -28.06
N THR A 151 18.06 21.24 -26.90
CA THR A 151 18.61 22.35 -26.11
C THR A 151 20.03 21.98 -25.69
N GLN A 152 20.90 22.97 -25.77
CA GLN A 152 22.31 22.82 -25.43
C GLN A 152 22.49 22.35 -23.99
N GLY A 153 23.27 21.28 -23.82
CA GLY A 153 23.58 20.74 -22.51
C GLY A 153 22.43 20.03 -21.80
N ALA A 154 21.32 19.81 -22.48
CA ALA A 154 20.17 19.10 -21.85
C ALA A 154 20.47 17.61 -21.53
N ASP A 155 21.63 17.10 -22.00
CA ASP A 155 22.09 15.75 -21.73
C ASP A 155 22.92 15.71 -20.46
N SER A 156 23.02 16.81 -19.70
CA SER A 156 23.85 16.77 -18.50
C SER A 156 23.24 15.90 -17.42
N ASN A 157 24.09 15.36 -16.58
CA ASN A 157 23.61 14.52 -15.48
C ASN A 157 22.98 15.42 -14.42
N ASN A 158 22.04 14.86 -13.74
CA ASN A 158 21.21 15.54 -12.70
C ASN A 158 20.22 16.57 -13.28
N ILE A 159 19.89 16.46 -14.57
CA ILE A 159 18.71 17.09 -15.16
C ILE A 159 17.69 15.95 -15.20
N LEU A 160 16.61 16.06 -14.41
CA LEU A 160 15.76 14.95 -14.11
C LEU A 160 14.31 15.24 -14.51
N TYR A 161 13.62 14.18 -14.85
CA TYR A 161 12.20 14.16 -15.23
C TYR A 161 11.48 13.18 -14.36
N LEU A 162 10.16 13.34 -14.33
CA LEU A 162 9.37 12.50 -13.41
C LEU A 162 8.10 12.05 -14.09
N ARG A 163 8.10 10.81 -14.55
CA ARG A 163 6.89 10.21 -15.01
C ARG A 163 6.61 8.84 -14.36
N GLU A 164 7.62 7.97 -14.25
CA GLU A 164 7.50 6.60 -13.77
C GLU A 164 8.39 6.34 -12.59
N VAL A 165 8.15 5.22 -11.89
CA VAL A 165 8.83 4.94 -10.65
C VAL A 165 10.34 4.90 -10.81
N ASP A 166 10.84 4.41 -11.99
CA ASP A 166 12.28 4.43 -12.19
C ASP A 166 12.83 5.86 -12.14
N ASP A 167 12.13 6.79 -12.77
CA ASP A 167 12.45 8.23 -12.65
C ASP A 167 12.44 8.71 -11.22
N ALA A 168 11.45 8.28 -10.44
CA ALA A 168 11.37 8.74 -9.06
C ALA A 168 12.51 8.23 -8.23
N ASP A 169 12.95 7.00 -8.47
CA ASP A 169 14.15 6.47 -7.81
C ASP A 169 15.43 7.28 -8.13
N LYS A 170 15.60 7.71 -9.36
CA LYS A 170 16.74 8.55 -9.71
C LYS A 170 16.72 9.88 -9.02
N LEU A 171 15.52 10.46 -8.92
CA LEU A 171 15.33 11.74 -8.21
C LEU A 171 15.64 11.58 -6.72
N VAL A 172 15.12 10.51 -6.08
CA VAL A 172 15.42 10.27 -4.65
C VAL A 172 16.89 10.13 -4.47
N ALA A 173 17.55 9.43 -5.38
CA ALA A 173 18.98 9.25 -5.28
C ALA A 173 19.77 10.53 -5.40
N ALA A 174 19.34 11.38 -6.28
CA ALA A 174 19.98 12.66 -6.49
C ALA A 174 19.75 13.58 -5.34
N ILE A 175 18.57 13.50 -4.76
CA ILE A 175 18.27 14.32 -3.54
C ILE A 175 19.19 14.00 -2.35
N GLN A 176 19.50 12.73 -2.21
CA GLN A 176 20.56 12.31 -1.25
C GLN A 176 21.94 12.74 -1.63
N ALA A 177 22.30 12.50 -2.90
CA ALA A 177 23.68 12.80 -3.36
C ALA A 177 23.95 14.26 -3.34
N LYS A 178 22.94 15.12 -3.56
CA LYS A 178 23.17 16.56 -3.63
C LYS A 178 22.61 17.25 -2.42
N LYS A 179 22.55 16.52 -1.30
CA LYS A 179 22.03 17.05 -0.05
C LYS A 179 22.38 18.50 0.25
N GLY A 180 21.37 19.27 0.62
CA GLY A 180 21.53 20.71 0.91
C GLY A 180 21.93 21.64 -0.23
N GLY A 181 21.85 21.17 -1.47
CA GLY A 181 22.34 21.97 -2.57
C GLY A 181 21.25 22.85 -3.17
N LYS A 182 21.49 23.21 -4.41
CA LYS A 182 20.60 24.06 -5.22
C LYS A 182 19.81 23.30 -6.25
N ALA A 183 18.49 23.45 -6.22
CA ALA A 183 17.62 22.90 -7.24
C ALA A 183 16.96 23.99 -8.08
N VAL A 184 16.84 23.72 -9.35
CA VAL A 184 16.13 24.59 -10.27
C VAL A 184 15.04 23.75 -10.86
N ILE A 185 13.83 24.26 -10.80
CA ILE A 185 12.65 23.58 -11.28
C ILE A 185 12.15 24.37 -12.50
N VAL A 186 12.15 23.71 -13.65
CA VAL A 186 11.76 24.30 -14.89
C VAL A 186 10.33 23.87 -15.22
N GLY A 187 9.43 24.86 -15.29
CA GLY A 187 8.03 24.64 -15.56
C GLY A 187 7.12 25.07 -14.40
N GLY A 188 5.98 25.62 -14.77
CA GLY A 188 5.00 26.13 -13.78
C GLY A 188 3.63 25.48 -13.80
N GLY A 189 3.53 24.27 -14.37
CA GLY A 189 2.28 23.52 -14.23
C GLY A 189 2.33 22.64 -12.98
N TYR A 190 1.69 21.49 -13.09
CA TYR A 190 1.53 20.61 -11.94
C TYR A 190 2.79 20.08 -11.38
N ILE A 191 3.67 19.59 -12.27
CA ILE A 191 4.95 19.07 -11.78
C ILE A 191 5.72 20.16 -11.14
N GLY A 192 5.75 21.29 -11.77
CA GLY A 192 6.50 22.41 -11.17
C GLY A 192 6.09 22.80 -9.79
N LEU A 193 4.78 22.84 -9.59
CA LEU A 193 4.20 23.13 -8.26
C LEU A 193 4.53 22.13 -7.22
N GLU A 194 4.31 20.87 -7.57
CA GLU A 194 4.54 19.78 -6.66
C GLU A 194 6.01 19.55 -6.38
N LEU A 195 6.85 19.61 -7.40
CA LEU A 195 8.25 19.28 -7.21
C LEU A 195 9.03 20.44 -6.53
N SER A 196 8.67 21.69 -6.78
CA SER A 196 9.29 22.83 -6.09
C SER A 196 9.06 22.64 -4.61
N ALA A 197 7.83 22.31 -4.25
CA ALA A 197 7.54 22.03 -2.83
C ALA A 197 8.25 20.81 -2.28
N ALA A 198 8.26 19.72 -3.01
CA ALA A 198 9.06 18.53 -2.58
C ALA A 198 10.54 18.81 -2.36
N LEU A 199 11.17 19.61 -3.22
CA LEU A 199 12.62 19.85 -3.08
C LEU A 199 12.85 20.79 -1.90
N LYS A 200 11.91 21.68 -1.62
CA LYS A 200 12.07 22.59 -0.50
C LYS A 200 11.90 21.82 0.75
N ILE A 201 10.96 20.88 0.78
CA ILE A 201 10.82 20.04 1.98
C ILE A 201 11.98 19.11 2.25
N ASN A 202 12.75 18.74 1.19
CA ASN A 202 14.03 18.05 1.27
C ASN A 202 15.28 18.91 1.55
N ASP A 203 15.02 20.16 1.94
CA ASP A 203 16.06 21.11 2.34
C ASP A 203 17.00 21.61 1.25
N PHE A 204 16.47 21.76 0.04
CA PHE A 204 17.17 22.39 -1.06
C PHE A 204 16.84 23.91 -1.09
N ASP A 205 17.76 24.67 -1.65
CA ASP A 205 17.51 26.05 -2.08
C ASP A 205 16.84 25.85 -3.44
N VAL A 206 15.63 26.34 -3.61
CA VAL A 206 14.77 26.03 -4.76
C VAL A 206 14.44 27.27 -5.53
N THR A 207 14.62 27.23 -6.85
CA THR A 207 14.18 28.32 -7.72
C THR A 207 13.26 27.70 -8.79
N MET A 208 12.07 28.24 -9.01
CA MET A 208 11.23 27.88 -10.16
C MET A 208 11.42 28.84 -11.33
N VAL A 209 11.41 28.29 -12.54
CA VAL A 209 11.51 29.10 -13.74
C VAL A 209 10.37 28.76 -14.66
N PHE A 210 9.61 29.72 -15.11
CA PHE A 210 8.63 29.41 -16.19
C PHE A 210 8.24 30.61 -17.01
N PRO A 211 7.71 30.38 -18.24
CA PRO A 211 7.47 31.55 -19.10
C PRO A 211 6.14 32.24 -18.83
N ALA A 212 5.18 31.54 -18.29
CA ALA A 212 3.78 32.08 -18.32
C ALA A 212 3.66 33.24 -17.38
N PRO A 213 2.57 34.03 -17.51
CA PRO A 213 2.39 35.16 -16.54
C PRO A 213 2.28 34.73 -15.04
N TRP A 214 1.78 33.52 -14.80
CA TRP A 214 1.62 33.01 -13.43
C TRP A 214 1.50 31.51 -13.48
N CYS A 215 1.72 30.87 -12.32
CA CYS A 215 1.75 29.38 -12.20
C CYS A 215 0.38 28.76 -12.55
N MET A 216 0.37 27.53 -13.12
CA MET A 216 -0.87 26.83 -13.54
C MET A 216 -1.79 27.66 -14.41
N PRO A 217 -1.22 28.20 -15.52
CA PRO A 217 -1.77 29.33 -16.29
C PRO A 217 -3.15 29.47 -17.00
N ARG A 218 -3.86 28.54 -17.67
CA ARG A 218 -4.24 27.15 -17.41
C ARG A 218 -5.47 27.21 -16.45
N LEU A 219 -5.47 26.50 -15.35
CA LEU A 219 -6.62 26.49 -14.46
C LEU A 219 -6.72 27.72 -13.53
N PHE A 220 -5.60 28.10 -12.92
CA PHE A 220 -5.62 29.20 -11.96
C PHE A 220 -5.98 30.55 -12.61
N THR A 221 -6.83 31.32 -11.94
CA THR A 221 -7.06 32.73 -12.21
C THR A 221 -5.86 33.55 -11.69
N ALA A 222 -5.77 34.85 -12.01
CA ALA A 222 -4.73 35.67 -11.40
C ALA A 222 -4.85 35.68 -9.87
N ASP A 223 -6.06 35.77 -9.37
CA ASP A 223 -6.28 35.77 -7.91
C ASP A 223 -5.77 34.52 -7.21
N ILE A 224 -6.17 33.39 -7.75
CA ILE A 224 -5.71 32.08 -7.20
C ILE A 224 -4.19 31.95 -7.34
N ALA A 225 -3.65 32.32 -8.48
CA ALA A 225 -2.23 32.19 -8.69
C ALA A 225 -1.41 33.05 -7.75
N ALA A 226 -1.94 34.24 -7.46
CA ALA A 226 -1.25 35.17 -6.56
C ALA A 226 -1.18 34.59 -5.15
N PHE A 227 -2.20 33.87 -4.71
CA PHE A 227 -2.12 33.16 -3.42
C PHE A 227 -0.94 32.17 -3.38
N TYR A 228 -0.86 31.29 -4.38
CA TYR A 228 0.12 30.23 -4.35
C TYR A 228 1.54 30.81 -4.49
N GLU A 229 1.68 31.79 -5.37
CA GLU A 229 2.96 32.44 -5.58
C GLU A 229 3.46 33.04 -4.22
N SER A 230 2.61 33.76 -3.55
CA SER A 230 2.97 34.39 -2.27
C SER A 230 3.32 33.34 -1.21
N TYR A 231 2.55 32.27 -1.16
CA TYR A 231 2.75 31.20 -0.22
C TYR A 231 4.09 30.52 -0.45
N TYR A 232 4.45 30.23 -1.72
CA TYR A 232 5.73 29.66 -2.00
C TYR A 232 6.88 30.60 -1.68
N THR A 233 6.71 31.87 -2.03
CA THR A 233 7.69 32.88 -1.70
C THR A 233 7.96 32.85 -0.16
N ASN A 234 6.89 32.82 0.58
CA ASN A 234 6.96 32.75 2.03
C ASN A 234 7.71 31.54 2.57
N LYS A 235 7.59 30.43 1.84
CA LYS A 235 8.38 29.23 2.13
C LYS A 235 9.83 29.27 1.69
N GLY A 236 10.25 30.33 1.03
CA GLY A 236 11.64 30.52 0.60
C GLY A 236 11.90 30.02 -0.81
N VAL A 237 10.87 29.63 -1.53
CA VAL A 237 11.06 29.28 -2.97
C VAL A 237 11.18 30.55 -3.80
N LYS A 238 12.21 30.64 -4.62
CA LYS A 238 12.38 31.78 -5.54
C LYS A 238 11.68 31.45 -6.85
N ILE A 239 11.17 32.50 -7.52
CA ILE A 239 10.29 32.37 -8.67
C ILE A 239 10.76 33.32 -9.75
N VAL A 240 11.16 32.76 -10.90
CA VAL A 240 11.68 33.57 -12.00
C VAL A 240 10.68 33.36 -13.13
N LYS A 241 9.97 34.40 -13.48
CA LYS A 241 8.94 34.40 -14.47
C LYS A 241 9.40 35.04 -15.80
N GLY A 242 8.66 34.72 -16.85
CA GLY A 242 8.87 35.43 -18.14
C GLY A 242 10.08 34.93 -18.90
N THR A 243 10.61 33.76 -18.55
CA THR A 243 11.75 33.22 -19.30
C THR A 243 11.79 31.71 -19.37
N VAL A 244 12.81 31.16 -20.02
CA VAL A 244 12.93 29.71 -20.19
C VAL A 244 14.39 29.38 -20.17
N ALA A 245 14.66 28.10 -19.95
CA ALA A 245 16.02 27.62 -19.97
C ALA A 245 16.48 27.43 -21.43
N VAL A 246 17.60 28.03 -21.81
CA VAL A 246 18.13 27.90 -23.15
C VAL A 246 19.45 27.20 -23.16
N GLY A 247 19.93 26.76 -22.00
CA GLY A 247 21.13 25.94 -22.01
C GLY A 247 21.55 25.64 -20.59
N PHE A 248 22.54 24.77 -20.46
CA PHE A 248 23.03 24.29 -19.21
C PHE A 248 24.54 24.18 -19.24
N ASP A 249 25.21 24.55 -18.16
CA ASP A 249 26.64 24.34 -18.01
C ASP A 249 26.77 23.05 -17.31
N ALA A 250 27.90 22.39 -17.49
CA ALA A 250 28.20 21.12 -16.90
C ALA A 250 29.66 21.02 -16.59
N ASP A 251 29.98 20.21 -15.60
CA ASP A 251 31.35 20.13 -15.16
C ASP A 251 32.08 19.04 -15.97
N ALA A 252 33.31 18.72 -15.57
CA ALA A 252 34.16 17.77 -16.31
C ALA A 252 33.52 16.39 -16.34
N ASN A 253 32.74 16.09 -15.32
CA ASN A 253 32.00 14.83 -15.17
C ASN A 253 30.65 14.73 -15.94
N GLY A 254 30.26 15.80 -16.57
CA GLY A 254 29.00 15.86 -17.30
C GLY A 254 27.82 16.20 -16.37
N ASP A 255 28.09 16.52 -15.10
CA ASP A 255 27.04 16.92 -14.13
C ASP A 255 26.66 18.39 -14.34
N VAL A 256 25.34 18.70 -14.35
CA VAL A 256 24.89 20.07 -14.43
C VAL A 256 25.47 20.91 -13.29
N THR A 257 25.83 22.11 -13.65
CA THR A 257 26.24 23.14 -12.75
C THR A 257 25.45 24.37 -12.80
N ALA A 258 24.85 24.71 -13.93
CA ALA A 258 24.07 25.91 -14.01
C ALA A 258 23.06 25.85 -15.15
N VAL A 259 21.98 26.63 -14.95
CA VAL A 259 20.94 26.85 -15.96
C VAL A 259 21.03 28.23 -16.55
N ASN A 260 21.19 28.31 -17.89
CA ASN A 260 21.28 29.62 -18.57
C ASN A 260 19.89 29.95 -19.09
N LEU A 261 19.39 31.12 -18.77
CA LEU A 261 18.06 31.51 -19.12
C LEU A 261 18.08 32.40 -20.33
N LYS A 262 16.95 32.49 -21.03
CA LYS A 262 16.82 33.21 -22.30
C LYS A 262 17.19 34.66 -22.16
N ASN A 263 16.82 35.23 -21.02
CA ASN A 263 17.11 36.61 -20.75
C ASN A 263 18.56 36.95 -20.37
N GLY A 264 19.46 35.97 -20.40
CA GLY A 264 20.86 36.22 -20.11
C GLY A 264 21.30 35.89 -18.70
N SER A 265 20.39 35.84 -17.74
CA SER A 265 20.75 35.34 -16.41
C SER A 265 21.05 33.82 -16.30
N VAL A 266 21.74 33.46 -15.21
CA VAL A 266 22.22 32.12 -14.96
C VAL A 266 21.87 31.75 -13.54
N LEU A 267 21.32 30.56 -13.35
CA LEU A 267 21.06 30.04 -11.99
C LEU A 267 21.98 28.89 -11.71
N GLU A 268 22.70 28.89 -10.57
CA GLU A 268 23.47 27.70 -10.21
C GLU A 268 22.56 26.58 -9.79
N ALA A 269 22.96 25.35 -10.13
CA ALA A 269 22.11 24.22 -9.88
C ALA A 269 22.94 22.96 -9.65
N ASP A 270 22.60 22.23 -8.60
CA ASP A 270 23.09 20.89 -8.40
C ASP A 270 22.18 19.85 -8.99
N ILE A 271 20.89 20.20 -9.06
CA ILE A 271 19.85 19.33 -9.61
C ILE A 271 18.86 20.25 -10.35
N VAL A 272 18.42 19.80 -11.50
CA VAL A 272 17.42 20.49 -12.32
C VAL A 272 16.31 19.49 -12.45
N VAL A 273 15.10 19.86 -12.06
CA VAL A 273 13.89 19.06 -12.32
C VAL A 273 13.01 19.77 -13.34
N VAL A 274 12.65 19.07 -14.40
CA VAL A 274 11.94 19.70 -15.49
C VAL A 274 10.55 19.07 -15.63
N GLY A 275 9.54 19.91 -15.66
CA GLY A 275 8.11 19.51 -15.85
C GLY A 275 7.47 20.44 -16.85
N VAL A 276 7.54 20.07 -18.11
CA VAL A 276 7.10 20.96 -19.19
C VAL A 276 6.03 20.37 -20.07
N GLY A 277 5.35 19.37 -19.53
CA GLY A 277 4.25 18.73 -20.20
C GLY A 277 4.47 17.31 -20.62
N GLY A 278 3.35 16.70 -20.99
CA GLY A 278 3.31 15.35 -21.48
C GLY A 278 2.37 15.29 -22.66
N ARG A 279 2.55 14.25 -23.51
CA ARG A 279 1.66 14.02 -24.67
C ARG A 279 1.27 12.58 -24.81
N PRO A 280 0.06 12.35 -25.32
CA PRO A 280 -0.37 10.97 -25.45
C PRO A 280 0.57 10.11 -26.21
N LEU A 281 0.81 8.92 -25.70
CA LEU A 281 1.74 7.98 -26.31
C LEU A 281 0.97 7.11 -27.30
N THR A 282 0.77 7.62 -28.49
CA THR A 282 -0.12 6.99 -29.47
C THR A 282 0.63 6.57 -30.78
N THR A 283 1.95 6.71 -30.86
CA THR A 283 2.59 6.53 -32.19
C THR A 283 2.50 5.11 -32.75
N LEU A 284 2.41 4.08 -31.90
CA LEU A 284 2.13 2.72 -32.36
C LEU A 284 0.87 2.55 -33.26
N PHE A 285 -0.04 3.51 -33.19
CA PHE A 285 -1.37 3.42 -33.83
C PHE A 285 -1.55 4.55 -34.84
N LYS A 286 -0.50 5.32 -35.11
CA LYS A 286 -0.57 6.31 -36.17
C LYS A 286 -1.01 5.64 -37.50
N GLY A 287 -2.13 6.12 -38.03
CA GLY A 287 -2.74 5.60 -39.26
C GLY A 287 -3.85 4.60 -39.00
N GLN A 288 -3.61 3.68 -38.07
CA GLN A 288 -4.50 2.55 -37.85
C GLN A 288 -5.83 2.89 -37.10
N VAL A 289 -5.90 4.03 -36.40
CA VAL A 289 -7.12 4.48 -35.68
C VAL A 289 -7.38 5.95 -35.96
N ALA A 290 -8.63 6.39 -35.95
CA ALA A 290 -8.92 7.85 -36.00
C ALA A 290 -8.42 8.61 -34.73
N GLU A 291 -7.92 9.84 -34.95
CA GLU A 291 -7.36 10.69 -33.90
C GLU A 291 -8.01 12.04 -33.97
N GLU A 292 -8.06 12.72 -32.83
CA GLU A 292 -8.57 14.06 -32.76
C GLU A 292 -8.11 14.68 -31.44
N LYS A 293 -7.89 16.00 -31.50
CA LYS A 293 -7.38 16.81 -30.40
C LYS A 293 -6.15 16.18 -29.77
N GLY A 294 -5.31 15.58 -30.60
CA GLY A 294 -4.10 14.93 -30.13
C GLY A 294 -4.18 13.57 -29.47
N GLY A 295 -5.33 12.90 -29.43
CA GLY A 295 -5.39 11.56 -28.91
C GLY A 295 -6.23 10.62 -29.77
N ILE A 296 -6.33 9.37 -29.33
CA ILE A 296 -7.07 8.34 -30.07
C ILE A 296 -8.57 8.60 -29.85
N LYS A 297 -9.32 8.90 -30.93
CA LYS A 297 -10.75 9.23 -30.87
C LYS A 297 -11.53 8.06 -30.37
N THR A 298 -12.49 8.29 -29.46
CA THR A 298 -13.37 7.19 -28.99
C THR A 298 -14.79 7.65 -28.89
N ASP A 299 -15.65 6.65 -28.77
CA ASP A 299 -17.07 6.82 -28.45
C ASP A 299 -17.23 6.86 -26.89
N ALA A 300 -18.48 6.81 -26.41
CA ALA A 300 -18.80 6.95 -24.99
C ALA A 300 -18.50 5.68 -24.23
N PHE A 301 -17.97 4.71 -24.93
CA PHE A 301 -17.56 3.41 -24.37
C PHE A 301 -16.08 3.14 -24.50
N PHE A 302 -15.36 4.17 -24.94
CA PHE A 302 -13.89 4.10 -25.10
C PHE A 302 -13.45 3.14 -26.23
N GLU A 303 -14.38 2.81 -27.13
CA GLU A 303 -14.00 2.05 -28.31
C GLU A 303 -13.54 3.00 -29.40
N THR A 304 -12.45 2.58 -30.08
CA THR A 304 -11.82 3.35 -31.14
C THR A 304 -12.56 3.07 -32.46
N SER A 305 -12.10 3.71 -33.56
CA SER A 305 -12.20 3.23 -35.00
C SER A 305 -12.22 1.72 -35.27
N VAL A 306 -11.31 0.99 -34.67
CA VAL A 306 -11.15 -0.45 -34.88
C VAL A 306 -11.94 -1.21 -33.81
N PRO A 307 -12.88 -2.08 -34.25
CA PRO A 307 -13.70 -2.71 -33.24
C PRO A 307 -12.93 -3.71 -32.39
N GLY A 308 -13.37 -3.87 -31.15
CA GLY A 308 -12.63 -4.67 -30.16
C GLY A 308 -11.33 -4.00 -29.71
N VAL A 309 -11.10 -2.77 -30.14
CA VAL A 309 -9.90 -1.98 -29.72
C VAL A 309 -10.36 -0.76 -28.91
N TYR A 310 -9.98 -0.79 -27.62
CA TYR A 310 -10.34 0.33 -26.72
C TYR A 310 -9.12 1.22 -26.41
N ALA A 311 -9.37 2.47 -26.06
CA ALA A 311 -8.33 3.38 -25.56
C ALA A 311 -8.88 4.19 -24.35
N VAL A 312 -8.09 4.19 -23.27
CA VAL A 312 -8.53 4.73 -21.99
C VAL A 312 -7.43 5.68 -21.44
N GLY A 313 -7.72 6.34 -20.35
CA GLY A 313 -6.71 7.30 -19.81
C GLY A 313 -6.36 8.54 -20.63
N ASP A 314 -5.12 8.98 -20.40
CA ASP A 314 -4.58 10.11 -21.06
C ASP A 314 -4.69 10.07 -22.61
N VAL A 315 -4.71 8.88 -23.24
CA VAL A 315 -4.64 8.81 -24.72
C VAL A 315 -5.97 9.07 -25.37
N ALA A 316 -7.04 8.82 -24.63
CA ALA A 316 -8.38 8.96 -25.23
C ALA A 316 -8.83 10.37 -25.46
N THR A 317 -9.43 10.60 -26.62
CA THR A 317 -10.21 11.79 -26.89
C THR A 317 -11.64 11.29 -27.06
N PHE A 318 -12.52 11.64 -26.12
CA PHE A 318 -13.83 10.98 -25.94
C PHE A 318 -14.93 12.02 -25.80
N PRO A 319 -16.24 11.62 -25.94
CA PRO A 319 -17.33 12.61 -25.81
C PRO A 319 -17.66 13.02 -24.37
N MET A 320 -17.56 14.32 -24.09
CA MET A 320 -17.75 14.80 -22.74
C MET A 320 -19.15 15.34 -22.67
N LYS A 321 -20.03 14.41 -22.30
CA LYS A 321 -21.47 14.56 -22.33
C LYS A 321 -21.95 15.89 -21.75
N MET A 322 -21.52 16.22 -20.53
CA MET A 322 -22.05 17.42 -19.87
C MET A 322 -21.66 18.74 -20.52
N TYR A 323 -20.65 18.73 -21.41
CA TYR A 323 -20.29 19.92 -22.16
C TYR A 323 -20.44 19.72 -23.70
N ASN A 324 -21.01 18.59 -24.14
CA ASN A 324 -21.07 18.15 -25.57
C ASN A 324 -19.92 18.65 -26.48
N GLU A 325 -18.74 18.13 -26.16
CA GLU A 325 -17.53 18.34 -26.89
C GLU A 325 -16.74 17.09 -26.69
N LEU A 326 -15.91 16.76 -27.68
CA LEU A 326 -14.88 15.79 -27.43
C LEU A 326 -13.82 16.43 -26.57
N ARG A 327 -13.20 15.64 -25.68
CA ARG A 327 -12.05 16.18 -24.95
C ARG A 327 -11.10 15.10 -24.64
N ARG A 328 -9.89 15.55 -24.26
CA ARG A 328 -8.90 14.67 -23.76
C ARG A 328 -8.55 15.13 -22.36
N VAL A 329 -8.41 14.20 -21.42
CA VAL A 329 -8.01 14.61 -20.10
C VAL A 329 -6.85 13.81 -19.64
N GLU A 330 -5.94 14.48 -18.96
CA GLU A 330 -4.70 13.88 -18.52
C GLU A 330 -4.56 13.90 -17.01
N HIS A 331 -5.57 13.32 -16.35
CA HIS A 331 -5.63 13.21 -14.89
C HIS A 331 -6.18 11.87 -14.33
N VAL A 332 -5.89 11.63 -13.07
CA VAL A 332 -5.89 10.29 -12.51
C VAL A 332 -7.34 9.76 -12.37
N ASP A 333 -8.25 10.63 -11.96
CA ASP A 333 -9.63 10.24 -11.77
C ASP A 333 -10.26 9.70 -13.04
N HIS A 334 -10.09 10.46 -14.11
CA HIS A 334 -10.47 10.01 -15.42
C HIS A 334 -9.81 8.71 -15.85
N ALA A 335 -8.52 8.51 -15.56
CA ALA A 335 -7.89 7.24 -15.90
C ALA A 335 -8.57 6.02 -15.22
N ARG A 336 -8.94 6.18 -13.94
CA ARG A 336 -9.57 5.09 -13.20
C ARG A 336 -10.93 4.84 -13.84
N LYS A 337 -11.70 5.90 -14.06
CA LYS A 337 -13.11 5.75 -14.43
C LYS A 337 -13.27 5.31 -15.89
N SER A 338 -12.36 5.79 -16.75
CA SER A 338 -12.47 5.45 -18.17
C SER A 338 -12.11 3.95 -18.30
N ALA A 339 -11.11 3.49 -17.53
CA ALA A 339 -10.72 2.08 -17.50
C ALA A 339 -11.91 1.19 -17.14
N GLU A 340 -12.63 1.57 -16.08
CA GLU A 340 -13.75 0.79 -15.59
C GLU A 340 -14.89 0.76 -16.66
N GLN A 341 -15.17 1.90 -17.24
CA GLN A 341 -16.10 2.02 -18.32
C GLN A 341 -15.79 1.06 -19.47
N ALA A 342 -14.52 1.02 -19.85
CA ALA A 342 -14.14 0.16 -20.97
C ALA A 342 -14.44 -1.30 -20.63
N VAL A 343 -14.09 -1.73 -19.42
CA VAL A 343 -14.26 -3.13 -19.10
C VAL A 343 -15.75 -3.39 -19.06
N LYS A 344 -16.55 -2.45 -18.55
CA LYS A 344 -17.99 -2.65 -18.54
C LYS A 344 -18.51 -2.77 -19.95
N ALA A 345 -18.08 -1.88 -20.84
CA ALA A 345 -18.51 -1.95 -22.26
C ALA A 345 -18.11 -3.23 -22.98
N ILE A 346 -16.91 -3.72 -22.69
CA ILE A 346 -16.44 -4.95 -23.34
C ILE A 346 -17.39 -6.09 -22.95
N LYS A 347 -17.60 -6.24 -21.64
CA LYS A 347 -18.44 -7.31 -21.10
C LYS A 347 -19.90 -7.13 -21.51
N GLY A 348 -20.37 -5.89 -21.59
CA GLY A 348 -21.74 -5.57 -22.00
C GLY A 348 -22.08 -5.94 -23.43
N LYS A 349 -21.08 -6.16 -24.27
CA LYS A 349 -21.29 -6.71 -25.60
C LYS A 349 -21.29 -8.23 -25.55
N GLU A 350 -20.44 -8.82 -24.71
CA GLU A 350 -20.38 -10.26 -24.47
C GLU A 350 -21.70 -10.91 -23.92
N SER A 351 -22.22 -10.41 -22.80
CA SER A 351 -23.62 -10.65 -22.42
C SER A 351 -24.25 -9.40 -22.96
N GLY A 352 -24.86 -9.51 -24.13
CA GLY A 352 -25.20 -8.37 -24.97
C GLY A 352 -26.29 -7.49 -24.43
N GLU A 353 -26.12 -7.05 -23.18
CA GLU A 353 -27.14 -6.34 -22.41
C GLU A 353 -27.14 -4.87 -22.87
N SER A 354 -26.51 -3.98 -22.10
CA SER A 354 -26.47 -2.53 -22.39
C SER A 354 -25.72 -1.80 -21.29
N VAL A 355 -25.04 -0.72 -21.70
CA VAL A 355 -24.10 0.01 -20.84
C VAL A 355 -24.33 1.51 -20.99
N VAL A 356 -24.39 2.22 -19.86
CA VAL A 356 -24.60 3.67 -19.86
C VAL A 356 -23.37 4.35 -20.52
N GLU A 357 -23.62 5.41 -21.24
CA GLU A 357 -22.53 6.19 -21.82
C GLU A 357 -21.75 6.97 -20.75
N TYR A 358 -20.43 7.01 -20.88
CA TYR A 358 -19.55 7.73 -19.91
C TYR A 358 -20.05 9.15 -19.65
N ASP A 359 -20.28 9.48 -18.37
CA ASP A 359 -20.77 10.82 -18.01
C ASP A 359 -19.85 11.42 -16.94
N TYR A 360 -18.84 12.13 -17.42
CA TYR A 360 -17.72 12.44 -16.59
C TYR A 360 -17.76 13.88 -16.13
N LEU A 361 -17.56 14.06 -14.80
CA LEU A 361 -17.43 15.38 -14.22
C LEU A 361 -15.93 15.57 -14.02
N PRO A 362 -15.31 16.59 -14.65
CA PRO A 362 -13.89 16.75 -14.42
C PRO A 362 -13.64 17.08 -12.97
N TYR A 363 -12.63 16.40 -12.40
CA TYR A 363 -12.19 16.58 -11.05
C TYR A 363 -10.70 16.64 -11.12
N PHE A 364 -10.14 17.79 -10.78
CA PHE A 364 -8.65 18.01 -10.69
C PHE A 364 -8.27 18.42 -9.28
N TYR A 365 -7.02 18.16 -8.93
CA TYR A 365 -6.58 18.42 -7.58
C TYR A 365 -5.10 18.43 -7.50
N SER A 366 -4.57 19.18 -6.52
CA SER A 366 -3.16 19.10 -6.21
C SER A 366 -2.94 19.47 -4.75
N ARG A 367 -1.84 18.96 -4.20
CA ARG A 367 -1.40 19.23 -2.87
C ARG A 367 0.10 19.44 -2.86
N SER A 368 0.54 20.42 -2.06
CA SER A 368 1.97 20.66 -1.77
C SER A 368 2.07 21.39 -0.43
N PHE A 369 3.20 21.27 0.26
CA PHE A 369 3.36 21.85 1.61
C PHE A 369 2.16 21.38 2.41
N ASP A 370 1.47 22.27 3.12
CA ASP A 370 0.28 21.94 3.83
C ASP A 370 -0.96 22.33 3.11
N LEU A 371 -0.90 22.58 1.81
CA LEU A 371 -2.08 23.04 1.04
C LEU A 371 -2.66 21.85 0.30
N GLY A 372 -3.93 21.97 -0.08
CA GLY A 372 -4.59 21.04 -0.99
C GLY A 372 -5.89 21.58 -1.51
N TRP A 373 -6.00 21.65 -2.84
CA TRP A 373 -7.16 22.18 -3.54
C TRP A 373 -7.86 21.12 -4.38
N GLN A 374 -9.15 21.37 -4.67
CA GLN A 374 -9.95 20.60 -5.62
C GLN A 374 -10.65 21.55 -6.55
N PHE A 375 -10.82 21.11 -7.80
CA PHE A 375 -11.59 21.80 -8.81
C PHE A 375 -12.52 20.82 -9.47
N TYR A 376 -13.77 21.24 -9.67
CA TYR A 376 -14.76 20.47 -10.40
C TYR A 376 -15.43 21.33 -11.48
N GLY A 377 -15.70 20.70 -12.61
CA GLY A 377 -16.53 21.33 -13.66
C GLY A 377 -15.68 21.85 -14.77
N ASP A 378 -15.97 23.06 -15.20
CA ASP A 378 -15.34 23.56 -16.42
C ASP A 378 -15.00 24.98 -16.16
N ASN A 379 -13.75 25.34 -16.45
CA ASN A 379 -13.24 26.68 -16.08
C ASN A 379 -13.49 27.68 -17.24
N VAL A 380 -14.73 27.95 -17.54
CA VAL A 380 -15.10 28.89 -18.57
C VAL A 380 -15.96 29.97 -17.92
N GLY A 381 -15.99 31.16 -18.51
CA GLY A 381 -16.83 32.23 -18.01
C GLY A 381 -16.11 33.20 -17.12
N ASP A 382 -16.89 33.99 -16.42
CA ASP A 382 -16.35 34.96 -15.46
C ASP A 382 -16.10 34.40 -14.08
N THR A 383 -15.07 34.88 -13.38
CA THR A 383 -14.71 34.28 -12.08
C THR A 383 -14.93 35.20 -10.90
N ILE A 384 -15.25 34.54 -9.81
CA ILE A 384 -15.45 35.18 -8.54
C ILE A 384 -14.64 34.41 -7.54
N LEU A 385 -13.90 35.12 -6.72
CA LEU A 385 -13.17 34.59 -5.61
C LEU A 385 -13.96 34.75 -4.30
N PHE A 386 -13.86 33.78 -3.39
CA PHE A 386 -14.46 33.89 -2.06
C PHE A 386 -13.57 33.33 -0.95
N GLY A 387 -13.84 33.72 0.28
CA GLY A 387 -13.18 33.21 1.44
C GLY A 387 -11.92 33.92 1.93
N ASP A 388 -11.14 33.20 2.72
CA ASP A 388 -9.90 33.68 3.32
C ASP A 388 -8.65 33.34 2.42
N SER A 389 -8.23 34.32 1.65
CA SER A 389 -7.10 34.22 0.70
C SER A 389 -5.70 34.64 1.28
N ASP A 390 -5.53 34.63 2.59
CA ASP A 390 -4.35 35.11 3.21
C ASP A 390 -3.34 33.98 3.26
N PRO A 391 -2.20 34.13 2.51
CA PRO A 391 -1.18 33.09 2.52
C PRO A 391 -0.64 32.78 3.91
N THR A 392 -0.68 33.77 4.83
CA THR A 392 -0.26 33.58 6.25
C THR A 392 -1.34 33.06 7.17
N SER A 393 -2.56 32.81 6.69
CA SER A 393 -3.57 32.16 7.51
C SER A 393 -3.07 30.82 8.04
N ALA A 394 -3.58 30.43 9.21
CA ALA A 394 -3.18 29.16 9.84
C ALA A 394 -3.59 27.96 8.95
N LYS A 395 -4.83 27.99 8.48
CA LYS A 395 -5.38 26.99 7.52
C LYS A 395 -6.11 27.72 6.39
N PRO A 396 -5.39 28.07 5.29
CA PRO A 396 -6.05 28.93 4.28
C PRO A 396 -7.22 28.22 3.71
N LYS A 397 -8.35 28.92 3.57
CA LYS A 397 -9.58 28.37 3.04
C LYS A 397 -10.26 29.38 2.13
N PHE A 398 -10.20 29.15 0.82
CA PHE A 398 -10.75 30.06 -0.13
C PHE A 398 -11.12 29.34 -1.40
N GLY A 399 -11.95 29.94 -2.24
CA GLY A 399 -12.36 29.24 -3.44
C GLY A 399 -12.68 30.21 -4.56
N SER A 400 -13.21 29.65 -5.64
CA SER A 400 -13.63 30.49 -6.75
C SER A 400 -14.76 29.81 -7.50
N TYR A 401 -15.67 30.60 -8.05
CA TYR A 401 -16.66 30.05 -9.02
C TYR A 401 -16.42 30.67 -10.41
N TRP A 402 -16.67 29.86 -11.41
CA TRP A 402 -16.68 30.26 -12.80
C TRP A 402 -18.16 30.32 -13.20
N ILE A 403 -18.58 31.43 -13.82
CA ILE A 403 -20.00 31.65 -14.20
C ILE A 403 -20.12 31.98 -15.70
N LYS A 404 -20.93 31.19 -16.42
CA LYS A 404 -21.23 31.42 -17.83
C LYS A 404 -22.74 31.26 -18.10
N ASP A 405 -23.34 32.21 -18.83
CA ASP A 405 -24.82 32.19 -19.20
C ASP A 405 -25.70 32.08 -17.97
N GLY A 406 -25.36 32.84 -16.93
CA GLY A 406 -26.12 32.90 -15.68
C GLY A 406 -25.99 31.71 -14.72
N LYS A 407 -25.18 30.72 -15.10
CA LYS A 407 -25.04 29.41 -14.39
C LYS A 407 -23.59 29.25 -13.81
N VAL A 408 -23.42 28.49 -12.73
CA VAL A 408 -22.04 28.18 -12.26
C VAL A 408 -21.61 26.98 -12.99
N LEU A 409 -20.52 27.06 -13.78
CA LEU A 409 -19.97 25.95 -14.49
C LEU A 409 -18.78 25.30 -13.80
N GLY A 410 -18.13 26.00 -12.88
CA GLY A 410 -16.87 25.48 -12.33
C GLY A 410 -16.64 25.95 -10.96
N ALA A 411 -15.93 25.16 -10.16
CA ALA A 411 -15.75 25.53 -8.80
C ALA A 411 -14.43 24.94 -8.28
N PHE A 412 -13.68 25.80 -7.60
CA PHE A 412 -12.37 25.54 -7.00
C PHE A 412 -12.45 25.81 -5.50
N LEU A 413 -11.80 24.97 -4.69
CA LEU A 413 -11.69 25.22 -3.27
C LEU A 413 -10.37 24.71 -2.73
N GLU A 414 -9.69 25.62 -2.04
CA GLU A 414 -8.47 25.33 -1.32
C GLU A 414 -8.84 25.17 0.13
N GLY A 415 -8.35 24.10 0.75
CA GLY A 415 -8.56 23.90 2.20
C GLY A 415 -9.91 23.45 2.65
N GLY A 416 -10.69 22.81 1.80
CA GLY A 416 -12.04 22.38 2.15
C GLY A 416 -12.09 21.08 2.92
N SER A 417 -13.11 20.93 3.77
CA SER A 417 -13.44 19.67 4.40
C SER A 417 -14.06 18.73 3.39
N PRO A 418 -14.33 17.46 3.80
CA PRO A 418 -14.97 16.57 2.85
C PRO A 418 -16.35 17.02 2.46
N ASP A 419 -17.09 17.58 3.42
CA ASP A 419 -18.46 18.03 3.05
C ASP A 419 -18.42 19.29 2.14
N GLU A 420 -17.46 20.18 2.39
CA GLU A 420 -17.27 21.35 1.55
C GLU A 420 -16.84 21.01 0.13
N ASN A 421 -15.97 20.02 -0.01
CA ASN A 421 -15.54 19.54 -1.35
C ASN A 421 -16.68 18.85 -2.06
N LYS A 422 -17.43 18.07 -1.32
CA LYS A 422 -18.66 17.48 -1.85
C LYS A 422 -19.67 18.54 -2.34
N ALA A 423 -19.80 19.63 -1.61
CA ALA A 423 -20.69 20.69 -1.96
C ALA A 423 -20.22 21.42 -3.23
N ILE A 424 -18.93 21.76 -3.35
CA ILE A 424 -18.51 22.36 -4.65
C ILE A 424 -18.68 21.44 -5.85
N ALA A 425 -18.49 20.13 -5.67
CA ALA A 425 -18.69 19.15 -6.70
C ALA A 425 -20.15 19.13 -7.16
N LYS A 426 -21.04 19.34 -6.21
CA LYS A 426 -22.48 19.37 -6.51
C LYS A 426 -22.89 20.63 -7.25
N VAL A 427 -22.37 21.79 -6.82
CA VAL A 427 -22.41 23.03 -7.61
C VAL A 427 -22.01 22.72 -9.05
N ALA A 428 -20.82 22.15 -9.25
CA ALA A 428 -20.32 21.93 -10.62
C ALA A 428 -21.19 20.95 -11.44
N LYS A 429 -21.74 19.95 -10.75
CA LYS A 429 -22.57 18.95 -11.39
C LYS A 429 -23.98 19.49 -11.71
N THR A 430 -24.52 20.31 -10.84
CA THR A 430 -25.90 20.83 -11.02
C THR A 430 -26.00 22.15 -11.81
N GLN A 431 -24.92 22.91 -11.86
CA GLN A 431 -24.89 24.21 -12.55
C GLN A 431 -26.02 25.18 -12.16
N PRO A 432 -26.11 25.47 -10.87
CA PRO A 432 -27.19 26.28 -10.39
C PRO A 432 -27.11 27.69 -10.97
N PRO A 433 -28.27 28.34 -11.20
CA PRO A 433 -28.22 29.75 -11.62
C PRO A 433 -27.86 30.69 -10.46
N VAL A 434 -27.40 31.89 -10.78
CA VAL A 434 -26.80 32.77 -9.76
C VAL A 434 -27.67 33.99 -9.43
N GLU A 438 -26.62 37.25 -8.20
CA GLU A 438 -25.21 37.64 -8.26
C GLU A 438 -24.80 38.76 -7.25
N GLU A 439 -24.73 38.38 -5.98
CA GLU A 439 -23.60 38.80 -5.11
C GLU A 439 -23.29 37.53 -4.33
N LEU A 440 -23.18 36.49 -5.17
CA LEU A 440 -22.54 35.20 -4.91
C LEU A 440 -21.23 35.33 -4.16
N LYS A 441 -20.51 36.46 -4.35
CA LYS A 441 -19.28 36.73 -3.59
C LYS A 441 -19.48 36.74 -2.06
N LYS A 442 -20.65 37.28 -1.61
CA LYS A 442 -21.50 36.69 -0.50
C LYS A 442 -20.77 36.14 0.76
N GLU A 443 -21.40 35.14 1.39
CA GLU A 443 -20.69 33.96 1.90
C GLU A 443 -20.63 32.95 0.73
N GLY A 444 -19.69 33.19 -0.16
CA GLY A 444 -19.39 32.31 -1.28
C GLY A 444 -19.53 30.86 -0.98
N LEU A 445 -18.80 30.33 0.01
CA LEU A 445 -18.86 28.87 0.25
C LEU A 445 -20.21 28.40 0.75
N GLN A 446 -20.92 29.27 1.48
CA GLN A 446 -22.27 28.90 1.92
C GLN A 446 -23.23 28.68 0.79
N PHE A 447 -23.04 29.38 -0.32
CA PHE A 447 -23.82 29.05 -1.52
C PHE A 447 -23.77 27.55 -1.91
N ALA A 448 -22.57 26.95 -1.87
CA ALA A 448 -22.43 25.57 -2.32
C ALA A 448 -23.04 24.68 -1.25
N SER A 449 -22.79 25.03 0.01
CA SER A 449 -23.20 24.25 1.20
C SER A 449 -24.71 24.13 1.36
N LYS A 450 -25.48 25.04 0.74
CA LYS A 450 -26.96 25.02 0.78
C LYS A 450 -27.59 24.60 -0.54
N ILE A 451 -26.80 24.18 -1.52
CA ILE A 451 -27.33 23.78 -2.83
C ILE A 451 -28.03 22.41 -2.72
N GLU B 20 35.32 -8.57 11.57
CA GLU B 20 34.74 -9.65 10.70
C GLU B 20 34.57 -10.96 11.45
N LYS B 21 33.33 -11.33 11.78
CA LYS B 21 33.09 -12.47 12.69
C LYS B 21 32.58 -13.64 11.87
N HIS B 22 32.82 -14.86 12.35
CA HIS B 22 32.39 -16.07 11.65
C HIS B 22 31.80 -17.07 12.59
N PHE B 23 30.66 -17.62 12.18
CA PHE B 23 29.99 -18.64 12.97
C PHE B 23 29.58 -19.78 12.07
N LYS B 24 29.53 -20.97 12.66
CA LYS B 24 28.99 -22.12 11.97
C LYS B 24 27.49 -21.89 11.63
N TYR B 25 26.75 -21.43 12.63
CA TYR B 25 25.31 -21.14 12.42
C TYR B 25 25.00 -19.69 12.68
N VAL B 26 24.31 -19.04 11.75
CA VAL B 26 23.75 -17.72 11.98
C VAL B 26 22.21 -17.69 11.80
N ILE B 27 21.51 -17.23 12.84
CA ILE B 27 20.09 -16.91 12.64
C ILE B 27 20.00 -15.42 12.34
N LEU B 28 19.40 -15.08 11.22
CA LEU B 28 19.13 -13.67 10.89
C LEU B 28 17.70 -13.20 11.30
N GLY B 29 17.72 -12.28 12.27
CA GLY B 29 16.54 -11.79 13.01
C GLY B 29 16.49 -12.26 14.43
N GLY B 30 15.90 -11.45 15.33
CA GLY B 30 15.91 -11.77 16.76
C GLY B 30 14.48 -11.82 17.27
N GLY B 31 13.63 -12.51 16.53
CA GLY B 31 12.20 -12.65 16.97
C GLY B 31 11.84 -13.97 17.50
N VAL B 32 10.58 -14.35 17.28
CA VAL B 32 10.09 -15.54 17.88
C VAL B 32 10.78 -16.78 17.33
N ALA B 33 10.89 -16.87 16.03
CA ALA B 33 11.43 -18.06 15.44
C ALA B 33 12.91 -18.19 15.86
N ALA B 34 13.62 -17.09 15.84
CA ALA B 34 15.03 -17.07 16.32
C ALA B 34 15.20 -17.61 17.70
N GLY B 35 14.36 -17.12 18.63
CA GLY B 35 14.44 -17.54 20.01
C GLY B 35 14.20 -19.02 20.16
N TYR B 36 13.13 -19.49 19.53
CA TYR B 36 12.76 -20.92 19.54
C TYR B 36 13.80 -21.79 18.83
N ALA B 37 14.42 -21.27 17.77
CA ALA B 37 15.56 -21.96 17.10
C ALA B 37 16.77 -22.08 18.07
N ALA B 38 17.09 -21.00 18.76
CA ALA B 38 18.20 -21.03 19.73
C ALA B 38 18.00 -22.10 20.79
N ARG B 39 16.77 -22.20 21.27
CA ARG B 39 16.43 -23.20 22.30
C ARG B 39 16.60 -24.59 21.74
N GLU B 40 16.22 -24.78 20.49
CA GLU B 40 16.35 -26.10 19.93
C GLU B 40 17.85 -26.43 19.74
N PHE B 41 18.65 -25.42 19.37
CA PHE B 41 20.10 -25.66 19.18
C PHE B 41 20.70 -26.14 20.50
N ALA B 42 20.33 -25.50 21.61
CA ALA B 42 20.76 -25.91 22.91
C ALA B 42 20.31 -27.32 23.20
N LYS B 43 19.04 -27.65 22.93
CA LYS B 43 18.54 -29.03 23.13
C LYS B 43 19.36 -30.06 22.32
N GLN B 44 19.73 -29.68 21.10
CA GLN B 44 20.53 -30.50 20.17
C GLN B 44 22.06 -30.47 20.38
N GLY B 45 22.53 -29.79 21.43
CA GLY B 45 23.94 -29.79 21.84
C GLY B 45 24.90 -28.79 21.22
N VAL B 46 24.39 -27.69 20.67
CA VAL B 46 25.21 -26.60 20.13
C VAL B 46 26.28 -26.25 21.18
N LYS B 47 27.47 -25.94 20.70
CA LYS B 47 28.60 -25.72 21.55
C LYS B 47 28.93 -24.24 21.55
N PRO B 48 29.50 -23.73 22.70
CA PRO B 48 29.94 -22.36 22.78
C PRO B 48 30.67 -21.93 21.50
N GLY B 49 30.32 -20.76 20.97
CA GLY B 49 30.94 -20.22 19.79
C GLY B 49 30.36 -20.58 18.44
N GLU B 50 29.52 -21.61 18.34
CA GLU B 50 28.99 -22.02 17.03
C GLU B 50 27.87 -21.09 16.46
N LEU B 51 27.06 -20.54 17.38
CA LEU B 51 25.77 -19.87 17.02
C LEU B 51 25.76 -18.38 17.40
N ALA B 52 25.47 -17.56 16.41
CA ALA B 52 24.97 -16.19 16.59
C ALA B 52 23.56 -15.93 16.00
N ILE B 53 22.88 -15.06 16.73
CA ILE B 53 21.62 -14.43 16.30
C ILE B 53 21.96 -12.96 16.10
N ILE B 54 21.64 -12.47 14.94
CA ILE B 54 21.79 -11.08 14.58
C ILE B 54 20.41 -10.38 14.45
N SER B 55 20.24 -9.25 15.17
CA SER B 55 18.91 -8.60 15.28
C SER B 55 19.03 -7.09 15.33
N LYS B 56 18.20 -6.42 14.53
CA LYS B 56 18.07 -4.98 14.58
C LYS B 56 17.41 -4.49 15.87
N GLU B 57 16.73 -5.34 16.61
CA GLU B 57 16.14 -4.89 17.88
C GLU B 57 17.21 -4.78 18.97
N ALA B 58 16.91 -4.04 20.01
CA ALA B 58 17.88 -3.83 21.09
C ALA B 58 17.78 -4.84 22.24
N VAL B 59 16.90 -5.86 22.11
CA VAL B 59 16.62 -6.75 23.21
C VAL B 59 16.64 -8.17 22.70
N ALA B 60 16.79 -9.12 23.60
CA ALA B 60 16.81 -10.54 23.24
C ALA B 60 15.41 -10.92 22.73
N PRO B 61 15.31 -12.01 21.97
CA PRO B 61 14.02 -12.50 21.49
C PRO B 61 12.90 -12.56 22.55
N TYR B 62 11.71 -12.12 22.12
CA TYR B 62 10.55 -12.03 23.01
C TYR B 62 9.29 -12.58 22.27
N GLU B 63 8.31 -12.88 23.11
CA GLU B 63 7.01 -13.36 22.66
C GLU B 63 6.20 -12.14 22.15
N ARG B 64 6.35 -11.90 20.84
CA ARG B 64 5.69 -10.79 20.14
C ARG B 64 4.19 -10.68 20.46
N PRO B 65 3.47 -11.79 20.64
CA PRO B 65 2.02 -11.60 20.95
C PRO B 65 1.73 -10.77 22.15
N ALA B 66 2.67 -10.61 23.09
CA ALA B 66 2.39 -9.78 24.27
C ALA B 66 2.22 -8.34 23.97
N LEU B 67 2.77 -7.88 22.83
CA LEU B 67 2.78 -6.50 22.54
C LEU B 67 1.40 -5.86 22.33
N SER B 68 0.47 -6.63 21.81
CA SER B 68 -0.91 -6.11 21.59
C SER B 68 -1.91 -6.47 22.69
N LYS B 69 -1.42 -7.12 23.75
CA LYS B 69 -2.24 -7.72 24.82
C LYS B 69 -1.73 -7.18 26.17
N GLY B 70 -0.94 -7.97 26.90
CA GLY B 70 -0.46 -7.59 28.22
C GLY B 70 0.39 -6.34 28.27
N TYR B 71 1.11 -6.04 27.20
CA TYR B 71 1.88 -4.82 27.16
C TYR B 71 1.07 -3.56 27.35
N LEU B 72 -0.25 -3.59 27.01
CA LEU B 72 -0.99 -2.39 26.93
C LEU B 72 -1.92 -2.23 28.12
N PHE B 73 -1.86 -3.15 29.12
CA PHE B 73 -2.69 -2.92 30.30
C PHE B 73 -2.28 -1.63 31.01
N PRO B 74 -3.25 -0.88 31.53
CA PRO B 74 -2.89 0.35 32.23
C PRO B 74 -2.23 0.07 33.61
N GLN B 75 -2.50 -1.11 34.14
CA GLN B 75 -1.86 -1.61 35.38
C GLN B 75 -1.35 -3.02 35.22
N ASN B 76 -0.24 -3.32 35.91
CA ASN B 76 0.34 -4.66 35.90
C ASN B 76 0.51 -5.18 34.48
N ALA B 77 1.14 -4.33 33.68
CA ALA B 77 1.44 -4.68 32.26
C ALA B 77 2.64 -5.59 32.09
N ALA B 78 2.65 -6.30 30.99
CA ALA B 78 3.74 -7.16 30.50
C ALA B 78 4.89 -6.25 30.10
N ARG B 79 6.08 -6.54 30.59
CA ARG B 79 7.28 -5.73 30.31
C ARG B 79 8.44 -6.73 30.17
N LEU B 80 9.40 -6.36 29.35
CA LEU B 80 10.65 -7.05 29.27
C LEU B 80 11.43 -6.76 30.58
N PRO B 81 12.07 -7.78 31.17
CA PRO B 81 12.34 -9.09 30.57
C PRO B 81 11.32 -10.17 30.83
N GLY B 82 10.14 -9.83 31.35
CA GLY B 82 9.13 -10.84 31.64
C GLY B 82 8.78 -11.79 30.49
N PHE B 83 8.51 -11.23 29.28
CA PHE B 83 8.01 -12.04 28.18
C PHE B 83 9.02 -12.40 27.12
N HIS B 84 10.30 -12.61 27.48
CA HIS B 84 11.25 -13.19 26.51
C HIS B 84 10.78 -14.56 26.18
N VAL B 85 11.13 -15.06 25.02
CA VAL B 85 10.85 -16.45 24.75
C VAL B 85 11.48 -17.32 25.90
N CYS B 86 11.00 -18.52 26.21
CA CYS B 86 9.88 -19.21 25.55
C CYS B 86 8.63 -19.29 26.42
N VAL B 87 8.44 -18.29 27.28
CA VAL B 87 7.32 -18.28 28.23
C VAL B 87 5.96 -18.35 27.62
N GLY B 88 5.85 -17.84 26.40
CA GLY B 88 4.57 -17.75 25.72
C GLY B 88 3.98 -19.11 25.40
N SER B 89 4.83 -20.13 25.29
CA SER B 89 4.38 -21.50 25.12
C SER B 89 4.55 -22.38 26.40
N GLY B 90 4.85 -21.76 27.53
CA GLY B 90 5.18 -22.50 28.78
C GLY B 90 6.63 -22.98 28.93
N GLY B 91 7.53 -22.46 28.09
CA GLY B 91 8.94 -22.82 28.16
C GLY B 91 9.64 -21.89 29.12
N GLU B 92 10.90 -22.19 29.39
CA GLU B 92 11.74 -21.35 30.22
C GLU B 92 12.10 -20.04 29.55
N ARG B 93 12.37 -19.04 30.39
CA ARG B 93 12.74 -17.71 29.91
C ARG B 93 14.19 -17.66 29.55
N LEU B 94 14.43 -17.33 28.29
CA LEU B 94 15.75 -17.08 27.77
C LEU B 94 16.10 -15.64 27.91
N LEU B 95 16.64 -15.32 29.09
CA LEU B 95 17.17 -14.01 29.32
C LEU B 95 18.48 -13.84 28.54
N PRO B 96 18.99 -12.63 28.48
CA PRO B 96 20.27 -12.47 27.79
C PRO B 96 21.44 -13.32 28.40
N GLU B 97 21.46 -13.46 29.72
CA GLU B 97 22.42 -14.36 30.37
C GLU B 97 22.29 -15.85 29.95
N TRP B 98 21.10 -16.32 29.58
CA TRP B 98 20.97 -17.67 29.11
C TRP B 98 21.83 -17.83 27.85
N TYR B 99 21.87 -16.81 26.99
CA TYR B 99 22.60 -16.94 25.70
C TYR B 99 24.14 -16.87 25.92
N SER B 100 24.56 -16.00 26.82
CA SER B 100 26.01 -15.93 27.10
C SER B 100 26.46 -17.17 27.87
N GLU B 101 25.74 -17.61 28.89
CA GLU B 101 26.10 -18.85 29.57
C GLU B 101 26.14 -20.08 28.65
N LYS B 102 25.41 -20.09 27.53
CA LYS B 102 25.55 -21.16 26.51
C LYS B 102 26.55 -20.84 25.43
N GLY B 103 27.11 -19.65 25.43
CA GLY B 103 27.98 -19.25 24.35
C GLY B 103 27.31 -19.07 23.01
N ILE B 104 26.02 -18.70 23.06
CA ILE B 104 25.29 -18.28 21.85
C ILE B 104 25.41 -16.77 21.84
N GLU B 105 25.90 -16.20 20.76
CA GLU B 105 26.16 -14.77 20.73
C GLU B 105 24.98 -13.98 20.15
N LEU B 106 24.35 -13.20 21.03
CA LEU B 106 23.38 -12.21 20.61
C LEU B 106 24.05 -10.94 20.13
N ILE B 107 23.85 -10.62 18.85
CA ILE B 107 24.37 -9.45 18.20
C ILE B 107 23.16 -8.52 17.90
N LEU B 108 22.93 -7.59 18.84
CA LEU B 108 21.77 -6.72 18.90
C LEU B 108 22.05 -5.36 18.27
N SER B 109 20.97 -4.61 18.09
CA SER B 109 20.90 -3.36 17.37
C SER B 109 21.76 -3.37 16.11
N THR B 110 21.67 -4.47 15.34
CA THR B 110 22.46 -4.66 14.11
C THR B 110 21.57 -4.97 12.94
N GLU B 111 21.36 -3.99 12.05
CA GLU B 111 20.54 -4.24 10.86
C GLU B 111 21.38 -4.72 9.66
N ILE B 112 21.01 -5.87 9.12
CA ILE B 112 21.68 -6.38 7.92
C ILE B 112 21.03 -5.69 6.75
N VAL B 113 21.85 -5.03 5.94
CA VAL B 113 21.34 -4.36 4.70
C VAL B 113 21.73 -5.02 3.37
N LYS B 114 22.64 -5.99 3.47
CA LYS B 114 23.01 -6.78 2.31
C LYS B 114 23.31 -8.21 2.73
N ALA B 115 22.77 -9.14 1.96
CA ALA B 115 23.04 -10.56 2.15
C ALA B 115 23.51 -11.15 0.83
N ASP B 116 24.71 -11.75 0.86
CA ASP B 116 25.27 -12.42 -0.33
C ASP B 116 25.37 -13.92 -0.07
N LEU B 117 24.42 -14.65 -0.62
CA LEU B 117 24.31 -16.08 -0.37
C LEU B 117 25.42 -16.87 -1.09
N ALA B 118 25.87 -16.38 -2.25
CA ALA B 118 27.01 -16.98 -3.01
C ALA B 118 28.28 -17.03 -2.18
N SER B 119 28.56 -15.94 -1.46
CA SER B 119 29.68 -15.88 -0.52
C SER B 119 29.43 -16.13 0.99
N LYS B 120 28.19 -16.37 1.40
CA LYS B 120 27.88 -16.58 2.81
C LYS B 120 28.33 -15.42 3.72
N THR B 121 28.08 -14.23 3.22
CA THR B 121 28.45 -12.98 3.86
C THR B 121 27.27 -12.00 4.09
N LEU B 122 27.06 -11.71 5.36
CA LEU B 122 26.08 -10.72 5.74
C LEU B 122 26.81 -9.45 6.12
N THR B 123 26.30 -8.33 5.61
CA THR B 123 26.85 -7.01 5.90
C THR B 123 25.89 -6.10 6.67
N SER B 124 26.34 -5.55 7.80
CA SER B 124 25.53 -4.63 8.62
C SER B 124 25.43 -3.24 8.05
N ALA B 125 24.57 -2.41 8.64
CA ALA B 125 24.36 -1.02 8.16
C ALA B 125 25.57 -0.08 8.43
N VAL B 126 26.36 -0.37 9.45
CA VAL B 126 27.62 0.37 9.72
C VAL B 126 28.78 -0.18 8.85
N GLY B 127 28.55 -1.29 8.12
CA GLY B 127 29.54 -1.96 7.30
C GLY B 127 30.25 -3.16 7.91
N ALA B 128 29.98 -3.51 9.18
CA ALA B 128 30.50 -4.76 9.77
C ALA B 128 30.05 -5.99 8.97
N THR B 129 30.79 -7.10 9.02
CA THR B 129 30.38 -8.27 8.26
C THR B 129 30.56 -9.56 9.02
N PHE B 130 29.79 -10.55 8.56
CA PHE B 130 29.52 -11.79 9.32
C PHE B 130 29.48 -12.92 8.30
N THR B 131 29.90 -14.10 8.72
CA THR B 131 29.83 -15.20 7.81
C THR B 131 29.40 -16.46 8.51
N TYR B 132 28.82 -17.31 7.69
CA TYR B 132 28.12 -18.49 8.14
C TYR B 132 28.47 -19.68 7.24
N GLU B 133 28.29 -20.85 7.81
CA GLU B 133 28.13 -22.06 7.02
C GLU B 133 26.63 -22.28 6.74
N ILE B 134 25.81 -22.28 7.81
CA ILE B 134 24.34 -22.47 7.76
C ILE B 134 23.66 -21.15 8.17
N LEU B 135 22.72 -20.70 7.33
CA LEU B 135 21.86 -19.53 7.65
C LEU B 135 20.39 -19.86 7.83
N ILE B 136 19.81 -19.36 8.94
CA ILE B 136 18.32 -19.44 9.16
C ILE B 136 17.79 -18.03 8.98
N ILE B 137 17.01 -17.83 7.92
CA ILE B 137 16.39 -16.56 7.64
C ILE B 137 15.12 -16.50 8.51
N ALA B 138 15.10 -15.54 9.43
CA ALA B 138 14.02 -15.43 10.43
C ALA B 138 13.67 -13.95 10.64
N THR B 139 13.51 -13.23 9.55
CA THR B 139 13.34 -11.79 9.56
C THR B 139 11.87 -11.32 9.72
N GLY B 140 10.95 -12.27 9.76
CA GLY B 140 9.55 -11.92 10.04
C GLY B 140 8.89 -11.08 8.97
N SER B 141 7.96 -10.25 9.44
CA SER B 141 7.16 -9.36 8.62
C SER B 141 7.32 -7.89 8.96
N SER B 142 7.08 -7.07 7.94
CA SER B 142 6.93 -5.64 8.05
C SER B 142 5.52 -5.30 8.60
N VAL B 143 5.33 -4.09 9.08
CA VAL B 143 3.98 -3.55 9.33
C VAL B 143 3.70 -2.60 8.19
N ILE B 144 2.61 -2.85 7.50
CA ILE B 144 2.15 -2.05 6.37
C ILE B 144 1.64 -0.76 6.93
N LYS B 145 2.20 0.36 6.42
CA LYS B 145 1.84 1.71 6.88
C LYS B 145 1.12 2.48 5.80
N LEU B 146 0.14 3.26 6.20
CA LEU B 146 -0.63 4.09 5.27
C LEU B 146 0.29 5.12 4.52
N SER B 147 1.38 5.55 5.15
CA SER B 147 2.40 6.33 4.54
C SER B 147 3.08 5.59 3.38
N ASP B 148 3.07 4.25 3.36
CA ASP B 148 3.64 3.45 2.26
C ASP B 148 2.74 3.70 1.05
N PHE B 149 1.43 3.97 1.29
CA PHE B 149 0.42 4.10 0.26
C PHE B 149 0.40 5.52 -0.33
N GLY B 150 1.10 6.43 0.31
CA GLY B 150 0.99 7.85 0.08
C GLY B 150 -0.33 8.55 0.44
N THR B 151 -1.11 7.91 1.30
CA THR B 151 -2.38 8.43 1.74
C THR B 151 -2.21 9.80 2.36
N GLN B 152 -3.09 10.72 1.97
CA GLN B 152 -3.01 12.13 2.42
C GLN B 152 -3.04 12.21 3.97
N GLY B 153 -2.07 12.86 4.56
CA GLY B 153 -2.00 13.01 5.98
C GLY B 153 -1.47 11.84 6.80
N ALA B 154 -1.09 10.74 6.15
CA ALA B 154 -0.69 9.53 6.85
C ALA B 154 0.61 9.66 7.57
N ASP B 155 1.33 10.75 7.28
CA ASP B 155 2.55 11.12 8.00
C ASP B 155 2.27 11.92 9.26
N SER B 156 1.01 12.16 9.61
CA SER B 156 0.71 12.89 10.86
C SER B 156 1.25 12.16 12.13
N ASN B 157 1.65 12.89 13.14
CA ASN B 157 2.06 12.28 14.42
C ASN B 157 0.84 11.65 15.08
N ASN B 158 1.10 10.66 15.92
CA ASN B 158 0.08 9.87 16.59
C ASN B 158 -0.78 9.02 15.70
N ILE B 159 -0.31 8.73 14.47
CA ILE B 159 -0.83 7.63 13.68
C ILE B 159 0.20 6.56 13.94
N LEU B 160 -0.22 5.47 14.56
CA LEU B 160 0.67 4.48 15.16
C LEU B 160 0.42 3.10 14.67
N TYR B 161 1.54 2.37 14.64
CA TYR B 161 1.56 1.01 14.20
C TYR B 161 2.18 0.16 15.29
N LEU B 162 1.98 -1.13 15.17
CA LEU B 162 2.52 -2.06 16.20
C LEU B 162 3.10 -3.34 15.63
N ARG B 163 4.43 -3.40 15.60
CA ARG B 163 5.10 -4.61 15.22
C ARG B 163 6.08 -5.05 16.31
N GLU B 164 6.90 -4.13 16.81
CA GLU B 164 8.02 -4.50 17.68
C GLU B 164 7.93 -3.70 18.99
N VAL B 165 8.71 -4.05 20.00
CA VAL B 165 8.61 -3.43 21.32
C VAL B 165 8.81 -1.93 21.36
N ASP B 166 9.68 -1.43 20.47
CA ASP B 166 9.83 0.01 20.28
C ASP B 166 8.54 0.71 19.86
N ASP B 167 7.82 0.11 18.90
CA ASP B 167 6.42 0.52 18.58
C ASP B 167 5.50 0.47 19.77
N ALA B 168 5.57 -0.63 20.55
CA ALA B 168 4.72 -0.79 21.71
C ALA B 168 4.99 0.36 22.70
N ASP B 169 6.26 0.68 22.92
CA ASP B 169 6.61 1.81 23.80
C ASP B 169 6.04 3.15 23.32
N LYS B 170 6.10 3.39 22.02
CA LYS B 170 5.62 4.62 21.48
C LYS B 170 4.11 4.68 21.70
N LEU B 171 3.42 3.54 21.56
CA LEU B 171 1.95 3.49 21.78
C LEU B 171 1.56 3.77 23.25
N VAL B 172 2.26 3.10 24.17
CA VAL B 172 2.02 3.26 25.58
C VAL B 172 2.20 4.76 25.88
N ALA B 173 3.26 5.36 25.35
CA ALA B 173 3.53 6.80 25.61
C ALA B 173 2.38 7.67 25.08
N ALA B 174 1.92 7.39 23.87
CA ALA B 174 0.73 8.13 23.35
C ALA B 174 -0.55 7.94 24.15
N ILE B 175 -0.77 6.73 24.63
CA ILE B 175 -1.91 6.45 25.46
C ILE B 175 -1.92 7.33 26.73
N GLN B 176 -0.73 7.55 27.29
CA GLN B 176 -0.57 8.44 28.42
C GLN B 176 -0.77 9.87 28.05
N ALA B 177 -0.19 10.29 26.93
CA ALA B 177 -0.22 11.67 26.52
C ALA B 177 -1.61 12.12 26.09
N LYS B 178 -2.44 11.18 25.61
CA LYS B 178 -3.76 11.54 25.07
C LYS B 178 -4.88 11.03 25.93
N LYS B 179 -4.56 10.79 27.19
CA LYS B 179 -5.46 10.14 28.14
C LYS B 179 -6.89 10.65 28.08
N GLY B 180 -7.86 9.77 27.93
CA GLY B 180 -9.27 10.14 27.92
C GLY B 180 -9.79 10.72 26.59
N GLY B 181 -9.01 10.61 25.54
CA GLY B 181 -9.41 11.10 24.24
C GLY B 181 -9.98 10.02 23.34
N LYS B 182 -9.85 10.32 22.07
CA LYS B 182 -10.53 9.58 21.01
C LYS B 182 -9.54 8.82 20.21
N ALA B 183 -9.85 7.55 20.02
CA ALA B 183 -9.01 6.69 19.21
C ALA B 183 -9.78 6.16 18.04
N VAL B 184 -9.12 6.15 16.88
CA VAL B 184 -9.61 5.47 15.72
C VAL B 184 -8.69 4.32 15.33
N ILE B 185 -9.28 3.15 15.21
CA ILE B 185 -8.57 1.96 14.83
C ILE B 185 -8.92 1.67 13.38
N VAL B 186 -7.91 1.62 12.51
CA VAL B 186 -8.13 1.41 11.11
C VAL B 186 -7.76 -0.03 10.85
N GLY B 187 -8.73 -0.84 10.52
CA GLY B 187 -8.58 -2.26 10.20
C GLY B 187 -9.37 -3.12 11.11
N GLY B 188 -9.78 -4.28 10.62
CA GLY B 188 -10.61 -5.20 11.40
C GLY B 188 -10.14 -6.60 11.39
N GLY B 189 -8.81 -6.78 11.23
CA GLY B 189 -8.19 -8.05 11.39
C GLY B 189 -7.73 -8.22 12.82
N TYR B 190 -6.67 -8.98 13.01
CA TYR B 190 -6.17 -9.29 14.38
C TYR B 190 -5.77 -8.06 15.19
N ILE B 191 -4.93 -7.17 14.61
CA ILE B 191 -4.51 -5.93 15.28
C ILE B 191 -5.75 -5.09 15.59
N GLY B 192 -6.66 -4.98 14.64
CA GLY B 192 -7.87 -4.16 14.88
C GLY B 192 -8.66 -4.62 16.08
N LEU B 193 -8.95 -5.89 16.11
CA LEU B 193 -9.71 -6.43 17.27
C LEU B 193 -8.91 -6.30 18.57
N GLU B 194 -7.63 -6.65 18.56
CA GLU B 194 -6.90 -6.57 19.80
C GLU B 194 -6.65 -5.16 20.29
N LEU B 195 -6.35 -4.26 19.37
CA LEU B 195 -6.10 -2.91 19.74
C LEU B 195 -7.35 -2.11 20.04
N SER B 196 -8.50 -2.42 19.40
CA SER B 196 -9.76 -1.78 19.78
C SER B 196 -10.02 -2.01 21.28
N ALA B 197 -9.91 -3.26 21.68
CA ALA B 197 -10.03 -3.62 23.11
C ALA B 197 -9.03 -2.91 23.98
N ALA B 198 -7.77 -2.94 23.58
CA ALA B 198 -6.73 -2.34 24.38
C ALA B 198 -6.98 -0.86 24.60
N LEU B 199 -7.37 -0.15 23.53
CA LEU B 199 -7.60 1.24 23.74
C LEU B 199 -8.84 1.48 24.64
N LYS B 200 -9.85 0.61 24.55
CA LYS B 200 -11.07 0.81 25.31
C LYS B 200 -10.69 0.61 26.82
N ILE B 201 -9.90 -0.41 27.12
CA ILE B 201 -9.55 -0.66 28.56
C ILE B 201 -8.61 0.42 29.09
N ASN B 202 -7.96 1.16 28.19
CA ASN B 202 -7.24 2.39 28.56
C ASN B 202 -8.05 3.74 28.58
N ASP B 203 -9.36 3.61 28.54
CA ASP B 203 -10.29 4.66 28.77
C ASP B 203 -10.33 5.65 27.58
N PHE B 204 -10.24 5.13 26.36
CA PHE B 204 -10.49 5.94 25.18
C PHE B 204 -11.87 5.67 24.64
N ASP B 205 -12.38 6.67 23.93
CA ASP B 205 -13.55 6.53 23.05
C ASP B 205 -12.98 5.95 21.80
N VAL B 206 -13.49 4.79 21.40
CA VAL B 206 -12.86 3.96 20.37
C VAL B 206 -13.84 3.69 19.21
N THR B 207 -13.39 3.96 17.99
CA THR B 207 -14.12 3.63 16.76
C THR B 207 -13.22 2.81 15.90
N MET B 208 -13.69 1.67 15.47
CA MET B 208 -12.96 0.82 14.51
C MET B 208 -13.64 0.88 13.15
N VAL B 209 -12.84 1.09 12.08
CA VAL B 209 -13.39 1.35 10.77
C VAL B 209 -12.70 0.41 9.76
N PHE B 210 -13.48 -0.33 8.97
CA PHE B 210 -12.91 -1.22 7.93
C PHE B 210 -13.88 -1.47 6.80
N PRO B 211 -13.38 -1.83 5.57
CA PRO B 211 -14.23 -1.96 4.42
C PRO B 211 -14.92 -3.27 4.29
N ALA B 212 -14.42 -4.31 4.97
CA ALA B 212 -15.06 -5.64 4.82
C ALA B 212 -16.44 -5.59 5.54
N PRO B 213 -17.33 -6.53 5.22
CA PRO B 213 -18.73 -6.48 5.75
C PRO B 213 -18.80 -6.99 7.23
N TRP B 214 -17.73 -7.65 7.69
CA TRP B 214 -17.63 -8.05 9.09
C TRP B 214 -16.16 -8.24 9.44
N CYS B 215 -15.88 -8.19 10.74
CA CYS B 215 -14.44 -8.25 11.18
C CYS B 215 -13.85 -9.62 10.94
N MET B 216 -12.53 -9.65 10.79
CA MET B 216 -11.81 -10.91 10.46
C MET B 216 -12.40 -11.66 9.30
N PRO B 217 -12.57 -10.98 8.14
CA PRO B 217 -13.42 -11.48 7.03
C PRO B 217 -13.04 -12.87 6.43
N ARG B 218 -11.75 -13.15 6.49
CA ARG B 218 -11.11 -14.38 5.99
C ARG B 218 -10.70 -15.37 7.10
N LEU B 219 -11.37 -15.27 8.25
CA LEU B 219 -11.52 -16.40 9.15
C LEU B 219 -12.94 -16.47 9.66
N PHE B 220 -13.42 -15.38 10.25
CA PHE B 220 -14.77 -15.37 10.80
C PHE B 220 -15.81 -15.38 9.67
N THR B 221 -16.82 -16.21 9.88
CA THR B 221 -18.13 -16.10 9.24
C THR B 221 -18.90 -14.95 9.80
N ALA B 222 -19.98 -14.55 9.13
CA ALA B 222 -20.77 -13.43 9.61
C ALA B 222 -21.37 -13.73 10.95
N ASP B 223 -21.73 -15.00 11.24
CA ASP B 223 -22.28 -15.32 12.53
C ASP B 223 -21.26 -15.29 13.62
N ILE B 224 -20.08 -15.77 13.34
CA ILE B 224 -19.04 -15.70 14.36
C ILE B 224 -18.70 -14.21 14.63
N ALA B 225 -18.53 -13.44 13.57
CA ALA B 225 -18.27 -11.98 13.73
C ALA B 225 -19.28 -11.23 14.51
N ALA B 226 -20.56 -11.58 14.29
CA ALA B 226 -21.65 -10.90 14.93
C ALA B 226 -21.49 -10.98 16.46
N PHE B 227 -21.10 -12.14 16.96
CA PHE B 227 -20.79 -12.28 18.42
C PHE B 227 -19.80 -11.19 18.86
N TYR B 228 -18.64 -11.12 18.23
CA TYR B 228 -17.55 -10.21 18.68
C TYR B 228 -17.94 -8.77 18.49
N GLU B 229 -18.62 -8.49 17.38
CA GLU B 229 -19.01 -7.15 17.10
C GLU B 229 -20.03 -6.69 18.18
N SER B 230 -20.99 -7.55 18.54
CA SER B 230 -22.01 -7.20 19.58
C SER B 230 -21.34 -7.05 20.90
N TYR B 231 -20.41 -7.95 21.19
CA TYR B 231 -19.69 -7.87 22.48
C TYR B 231 -18.88 -6.60 22.58
N TYR B 232 -18.17 -6.26 21.50
CA TYR B 232 -17.39 -5.05 21.45
C TYR B 232 -18.19 -3.82 21.59
N THR B 233 -19.34 -3.80 20.88
CA THR B 233 -20.27 -2.67 20.93
C THR B 233 -20.82 -2.48 22.34
N ASN B 234 -21.11 -3.58 22.99
CA ASN B 234 -21.53 -3.50 24.45
C ASN B 234 -20.43 -3.00 25.36
N LYS B 235 -19.15 -3.22 25.02
CA LYS B 235 -18.05 -2.61 25.72
C LYS B 235 -17.83 -1.12 25.39
N GLY B 236 -18.56 -0.60 24.40
CA GLY B 236 -18.42 0.78 24.02
C GLY B 236 -17.66 1.07 22.75
N VAL B 237 -17.18 0.05 22.05
CA VAL B 237 -16.41 0.29 20.83
C VAL B 237 -17.45 0.42 19.72
N LYS B 238 -17.30 1.47 18.92
CA LYS B 238 -18.16 1.75 17.73
C LYS B 238 -17.48 1.20 16.49
N ILE B 239 -18.17 0.38 15.76
CA ILE B 239 -17.65 -0.28 14.59
C ILE B 239 -18.33 0.24 13.34
N VAL B 240 -17.51 0.66 12.38
CA VAL B 240 -17.99 1.25 11.17
C VAL B 240 -17.52 0.33 10.04
N LYS B 241 -18.46 -0.26 9.30
CA LYS B 241 -18.18 -1.31 8.35
C LYS B 241 -18.67 -0.89 7.00
N GLY B 242 -17.81 -1.10 6.01
CA GLY B 242 -18.18 -0.83 4.59
C GLY B 242 -17.60 0.49 4.05
N THR B 243 -16.62 1.05 4.73
CA THR B 243 -15.89 2.22 4.23
C THR B 243 -14.42 2.09 4.65
N VAL B 244 -13.61 3.06 4.30
CA VAL B 244 -12.16 3.01 4.49
C VAL B 244 -11.64 4.39 4.75
N ALA B 245 -10.57 4.49 5.55
CA ALA B 245 -9.92 5.81 5.72
C ALA B 245 -9.22 6.24 4.41
N VAL B 246 -9.48 7.46 3.98
CA VAL B 246 -8.87 8.01 2.75
C VAL B 246 -7.98 9.20 3.04
N GLY B 247 -8.02 9.73 4.24
CA GLY B 247 -7.13 10.82 4.59
C GLY B 247 -7.17 11.20 6.03
N PHE B 248 -6.28 12.12 6.42
CA PHE B 248 -6.13 12.59 7.84
C PHE B 248 -5.98 14.09 7.88
N ASP B 249 -6.71 14.69 8.79
CA ASP B 249 -6.46 16.10 9.18
C ASP B 249 -5.42 16.19 10.28
N ALA B 250 -4.67 17.28 10.28
CA ALA B 250 -3.64 17.48 11.30
C ALA B 250 -3.53 18.91 11.64
N ASP B 251 -3.06 19.13 12.86
CA ASP B 251 -2.92 20.47 13.44
C ASP B 251 -1.55 21.06 13.08
N ALA B 252 -1.31 22.28 13.56
CA ALA B 252 -0.13 23.03 13.08
C ALA B 252 1.13 22.32 13.55
N ASN B 253 1.01 21.50 14.59
CA ASN B 253 2.15 20.72 15.09
C ASN B 253 2.38 19.34 14.36
N GLY B 254 1.64 19.08 13.31
CA GLY B 254 1.66 17.82 12.62
C GLY B 254 0.87 16.65 13.24
N ASP B 255 0.12 16.90 14.32
CA ASP B 255 -0.57 15.87 15.08
C ASP B 255 -1.96 15.60 14.50
N VAL B 256 -2.33 14.34 14.42
CA VAL B 256 -3.58 13.98 13.82
C VAL B 256 -4.73 14.55 14.61
N THR B 257 -5.76 15.04 13.90
CA THR B 257 -6.97 15.45 14.55
C THR B 257 -8.21 14.78 14.03
N ALA B 258 -8.19 14.15 12.86
CA ALA B 258 -9.40 13.50 12.32
C ALA B 258 -9.02 12.59 11.25
N VAL B 259 -9.88 11.58 11.06
CA VAL B 259 -9.79 10.62 10.02
C VAL B 259 -10.93 10.86 9.07
N ASN B 260 -10.64 11.05 7.78
CA ASN B 260 -11.68 11.18 6.79
C ASN B 260 -11.94 9.90 6.06
N LEU B 261 -13.22 9.51 5.89
CA LEU B 261 -13.58 8.25 5.31
C LEU B 261 -14.08 8.37 3.91
N LYS B 262 -13.94 7.31 3.17
CA LYS B 262 -14.35 7.29 1.74
C LYS B 262 -15.80 7.68 1.54
N ASN B 263 -16.65 7.35 2.51
CA ASN B 263 -18.09 7.66 2.40
C ASN B 263 -18.44 9.11 2.76
N GLY B 264 -17.44 9.88 3.15
CA GLY B 264 -17.54 11.28 3.43
C GLY B 264 -17.72 11.59 4.87
N SER B 265 -17.79 10.56 5.73
CA SER B 265 -17.88 10.76 7.14
C SER B 265 -16.53 11.16 7.69
N VAL B 266 -16.57 11.80 8.84
CA VAL B 266 -15.32 12.26 9.51
C VAL B 266 -15.31 11.67 10.90
N LEU B 267 -14.19 11.10 11.37
CA LEU B 267 -14.03 10.63 12.78
C LEU B 267 -12.96 11.47 13.45
N GLU B 268 -13.33 12.22 14.47
CA GLU B 268 -12.32 12.95 15.28
C GLU B 268 -11.39 11.95 15.97
N ALA B 269 -10.12 12.29 16.07
CA ALA B 269 -9.12 11.38 16.58
C ALA B 269 -7.96 12.09 17.22
N ASP B 270 -7.61 11.61 18.42
CA ASP B 270 -6.36 12.01 19.08
C ASP B 270 -5.22 11.04 18.82
N ILE B 271 -5.57 9.75 18.63
CA ILE B 271 -4.69 8.65 18.27
C ILE B 271 -5.38 7.86 17.23
N VAL B 272 -4.58 7.48 16.26
CA VAL B 272 -4.96 6.52 15.26
C VAL B 272 -4.09 5.35 15.37
N VAL B 273 -4.67 4.12 15.48
CA VAL B 273 -3.89 2.92 15.39
C VAL B 273 -4.28 2.14 14.16
N VAL B 274 -3.30 1.76 13.37
CA VAL B 274 -3.56 1.14 12.10
C VAL B 274 -3.09 -0.30 12.07
N GLY B 275 -3.94 -1.17 11.63
CA GLY B 275 -3.65 -2.58 11.41
C GLY B 275 -4.23 -3.07 10.12
N VAL B 276 -3.45 -2.96 9.03
CA VAL B 276 -3.93 -3.33 7.71
C VAL B 276 -3.06 -4.41 7.08
N GLY B 277 -2.31 -5.15 7.92
CA GLY B 277 -1.49 -6.27 7.46
C GLY B 277 0.00 -6.07 7.54
N GLY B 278 0.65 -7.21 7.42
CA GLY B 278 2.10 -7.29 7.35
C GLY B 278 2.51 -8.04 6.07
N ARG B 279 3.78 -7.88 5.71
CA ARG B 279 4.38 -8.63 4.61
C ARG B 279 5.77 -9.18 4.96
N PRO B 280 6.08 -10.38 4.44
CA PRO B 280 7.38 -11.00 4.68
C PRO B 280 8.52 -10.07 4.39
N LEU B 281 9.52 -10.03 5.25
CA LEU B 281 10.69 -9.18 5.02
C LEU B 281 11.76 -9.99 4.35
N THR B 282 11.64 -10.04 3.04
CA THR B 282 12.43 -10.96 2.25
C THR B 282 13.32 -10.27 1.22
N THR B 283 13.32 -8.94 1.16
CA THR B 283 13.91 -8.30 -0.05
C THR B 283 15.44 -8.37 -0.06
N LEU B 284 16.06 -8.62 1.08
CA LEU B 284 17.49 -8.95 1.12
C LEU B 284 17.89 -10.16 0.28
N PHE B 285 16.95 -11.01 -0.12
CA PHE B 285 17.27 -12.25 -0.84
C PHE B 285 16.63 -12.34 -2.19
N LYS B 286 16.06 -11.23 -2.67
CA LYS B 286 15.32 -11.21 -3.93
C LYS B 286 16.27 -11.63 -5.04
N GLY B 287 15.81 -12.55 -5.86
CA GLY B 287 16.62 -13.10 -6.93
C GLY B 287 17.63 -14.16 -6.50
N GLN B 288 17.93 -14.30 -5.19
CA GLN B 288 18.91 -15.28 -4.70
C GLN B 288 18.30 -16.57 -4.23
N VAL B 289 16.99 -16.56 -3.94
CA VAL B 289 16.25 -17.75 -3.54
C VAL B 289 15.00 -17.80 -4.36
N ALA B 290 14.42 -18.96 -4.49
CA ALA B 290 13.13 -19.07 -5.15
C ALA B 290 12.06 -18.56 -4.17
N GLU B 291 11.01 -17.97 -4.73
CA GLU B 291 9.93 -17.34 -3.98
C GLU B 291 8.60 -17.78 -4.60
N GLU B 292 7.61 -17.95 -3.76
CA GLU B 292 6.27 -18.38 -4.17
C GLU B 292 5.28 -17.86 -3.13
N LYS B 293 4.05 -17.59 -3.58
CA LYS B 293 2.98 -16.94 -2.82
C LYS B 293 3.48 -15.86 -1.83
N GLY B 294 4.40 -15.01 -2.28
CA GLY B 294 4.98 -13.95 -1.45
C GLY B 294 6.07 -14.33 -0.44
N GLY B 295 6.40 -15.61 -0.31
CA GLY B 295 7.40 -16.06 0.63
C GLY B 295 8.64 -16.61 -0.09
N ILE B 296 9.57 -17.07 0.72
CA ILE B 296 10.76 -17.76 0.26
C ILE B 296 10.30 -19.20 0.30
N LYS B 297 10.43 -19.89 -0.83
CA LYS B 297 9.94 -21.24 -0.98
C LYS B 297 10.83 -22.19 -0.18
N THR B 298 10.23 -23.19 0.49
CA THR B 298 11.03 -24.15 1.20
C THR B 298 10.47 -25.54 1.03
N ASP B 299 11.26 -26.54 1.41
CA ASP B 299 10.76 -27.90 1.44
C ASP B 299 10.16 -28.16 2.83
N ALA B 300 9.86 -29.42 3.13
CA ALA B 300 9.32 -29.83 4.37
C ALA B 300 10.26 -29.76 5.58
N PHE B 301 11.53 -29.33 5.36
CA PHE B 301 12.53 -29.11 6.40
C PHE B 301 12.95 -27.62 6.51
N PHE B 302 12.19 -26.77 5.81
CA PHE B 302 12.43 -25.37 5.76
C PHE B 302 13.74 -24.99 5.11
N GLU B 303 14.33 -25.94 4.37
CA GLU B 303 15.43 -25.59 3.47
C GLU B 303 14.96 -24.89 2.21
N THR B 304 15.66 -23.80 1.87
CA THR B 304 15.44 -23.00 0.67
C THR B 304 16.13 -23.62 -0.55
N SER B 305 16.00 -22.94 -1.68
CA SER B 305 16.69 -23.25 -2.95
C SER B 305 18.20 -23.29 -2.83
N VAL B 306 18.75 -22.56 -1.87
CA VAL B 306 20.18 -22.53 -1.61
C VAL B 306 20.48 -23.48 -0.50
N PRO B 307 21.28 -24.52 -0.78
CA PRO B 307 21.62 -25.46 0.26
C PRO B 307 22.26 -24.80 1.50
N GLY B 308 21.78 -25.20 2.67
CA GLY B 308 22.28 -24.68 3.95
C GLY B 308 21.75 -23.28 4.24
N VAL B 309 20.70 -22.88 3.52
CA VAL B 309 19.95 -21.63 3.79
C VAL B 309 18.52 -22.04 4.06
N TYR B 310 18.07 -21.74 5.28
CA TYR B 310 16.74 -22.10 5.73
C TYR B 310 15.93 -20.81 5.90
N ALA B 311 14.61 -20.96 5.85
CA ALA B 311 13.72 -19.81 6.07
C ALA B 311 12.55 -20.30 6.87
N VAL B 312 12.25 -19.59 7.95
CA VAL B 312 11.26 -20.07 8.92
C VAL B 312 10.29 -18.91 9.28
N GLY B 313 9.25 -19.27 10.02
CA GLY B 313 8.23 -18.31 10.45
C GLY B 313 7.51 -17.62 9.29
N ASP B 314 7.29 -16.32 9.42
CA ASP B 314 6.33 -15.63 8.54
C ASP B 314 6.85 -15.61 7.09
N VAL B 315 8.17 -15.70 6.89
CA VAL B 315 8.68 -15.56 5.52
C VAL B 315 8.58 -16.83 4.70
N ALA B 316 8.32 -17.98 5.30
CA ALA B 316 8.45 -19.24 4.60
C ALA B 316 7.19 -19.65 3.85
N THR B 317 7.34 -20.07 2.59
CA THR B 317 6.22 -20.69 1.85
C THR B 317 6.59 -22.14 1.74
N PHE B 318 5.88 -23.01 2.44
CA PHE B 318 6.31 -24.39 2.73
C PHE B 318 5.18 -25.37 2.44
N PRO B 319 5.53 -26.66 2.27
CA PRO B 319 4.47 -27.63 1.91
C PRO B 319 3.57 -27.88 3.09
N MET B 320 2.28 -27.63 2.92
CA MET B 320 1.38 -28.01 4.00
C MET B 320 0.66 -29.30 3.70
N LYS B 321 1.18 -30.35 4.31
CA LYS B 321 1.06 -31.69 3.79
C LYS B 321 -0.34 -32.31 4.01
N MET B 322 -1.03 -31.95 5.09
CA MET B 322 -2.42 -32.39 5.22
C MET B 322 -3.39 -31.68 4.23
N TYR B 323 -3.00 -30.55 3.64
CA TYR B 323 -3.84 -29.87 2.61
C TYR B 323 -3.27 -29.84 1.19
N ASN B 324 -2.20 -30.61 0.94
CA ASN B 324 -1.51 -30.69 -0.38
C ASN B 324 -1.42 -29.39 -1.21
N GLU B 325 -0.76 -28.41 -0.60
CA GLU B 325 -0.73 -27.06 -1.05
C GLU B 325 0.53 -26.51 -0.43
N LEU B 326 1.20 -25.59 -1.13
CA LEU B 326 2.19 -24.74 -0.51
C LEU B 326 1.43 -23.63 0.20
N ARG B 327 1.85 -23.26 1.40
CA ARG B 327 1.18 -22.16 2.15
C ARG B 327 2.19 -21.38 2.92
N ARG B 328 1.88 -20.08 3.15
CA ARG B 328 2.64 -19.20 4.02
C ARG B 328 1.71 -18.84 5.21
N VAL B 329 2.25 -18.90 6.42
CA VAL B 329 1.53 -18.71 7.66
C VAL B 329 2.16 -17.61 8.43
N GLU B 330 1.34 -16.71 8.97
CA GLU B 330 1.86 -15.55 9.66
C GLU B 330 1.39 -15.51 11.10
N HIS B 331 1.68 -16.60 11.81
CA HIS B 331 1.23 -16.77 13.19
C HIS B 331 2.25 -17.46 14.10
N VAL B 332 2.13 -17.14 15.39
CA VAL B 332 3.16 -17.44 16.40
C VAL B 332 3.43 -18.96 16.61
N ASP B 333 2.39 -19.77 16.52
CA ASP B 333 2.58 -21.23 16.71
C ASP B 333 3.50 -21.80 15.62
N HIS B 334 3.25 -21.41 14.37
CA HIS B 334 4.07 -21.83 13.27
C HIS B 334 5.50 -21.29 13.34
N ALA B 335 5.68 -20.06 13.79
CA ALA B 335 7.02 -19.56 13.98
C ALA B 335 7.85 -20.48 14.89
N ARG B 336 7.20 -20.94 15.94
CA ARG B 336 7.88 -21.71 16.97
C ARG B 336 8.18 -23.08 16.39
N LYS B 337 7.18 -23.70 15.77
CA LYS B 337 7.34 -25.07 15.33
C LYS B 337 8.27 -25.15 14.12
N SER B 338 8.14 -24.22 13.18
CA SER B 338 9.01 -24.24 12.02
C SER B 338 10.48 -23.95 12.37
N ALA B 339 10.72 -23.10 13.37
CA ALA B 339 12.09 -22.88 13.86
C ALA B 339 12.67 -24.19 14.38
N GLU B 340 11.91 -24.86 15.23
CA GLU B 340 12.32 -26.16 15.78
C GLU B 340 12.62 -27.16 14.68
N GLN B 341 11.73 -27.30 13.72
CA GLN B 341 11.92 -28.22 12.58
C GLN B 341 13.20 -27.94 11.77
N ALA B 342 13.50 -26.67 11.47
CA ALA B 342 14.72 -26.31 10.76
C ALA B 342 15.95 -26.75 11.51
N VAL B 343 15.98 -26.47 12.80
CA VAL B 343 17.14 -26.83 13.60
C VAL B 343 17.27 -28.36 13.63
N LYS B 344 16.15 -29.08 13.83
CA LYS B 344 16.18 -30.54 13.89
C LYS B 344 16.65 -31.08 12.54
N ALA B 345 16.28 -30.43 11.44
CA ALA B 345 16.77 -30.84 10.12
C ALA B 345 18.26 -30.48 9.79
N ILE B 346 18.73 -29.36 10.31
CA ILE B 346 20.15 -29.03 10.24
C ILE B 346 20.99 -30.11 10.95
N LYS B 347 20.63 -30.45 12.17
CA LYS B 347 21.39 -31.42 12.97
C LYS B 347 21.26 -32.85 12.48
N GLY B 348 20.11 -33.19 11.91
CA GLY B 348 19.88 -34.52 11.38
C GLY B 348 20.78 -34.71 10.19
N LYS B 349 20.87 -33.70 9.32
CA LYS B 349 21.79 -33.72 8.18
C LYS B 349 23.27 -33.90 8.56
N GLU B 350 23.70 -33.23 9.63
CA GLU B 350 25.05 -33.47 10.18
C GLU B 350 25.30 -34.92 10.61
N SER B 351 24.29 -35.55 11.18
CA SER B 351 24.40 -36.92 11.67
C SER B 351 23.91 -38.02 10.71
N GLY B 352 23.43 -37.62 9.52
CA GLY B 352 22.81 -38.53 8.58
C GLY B 352 21.45 -39.09 8.97
N GLU B 353 20.81 -38.49 9.98
CA GLU B 353 19.50 -38.94 10.47
C GLU B 353 18.38 -38.32 9.69
N SER B 354 17.21 -38.99 9.64
CA SER B 354 16.07 -38.58 8.76
C SER B 354 14.93 -37.94 9.55
N VAL B 355 14.81 -36.63 9.50
CA VAL B 355 13.78 -35.96 10.31
C VAL B 355 12.44 -36.15 9.62
N VAL B 356 11.34 -36.30 10.37
CA VAL B 356 10.03 -36.45 9.78
C VAL B 356 9.65 -35.13 9.10
N GLU B 357 9.01 -35.19 7.93
CA GLU B 357 8.62 -33.94 7.23
C GLU B 357 7.60 -33.13 8.05
N TYR B 358 7.67 -31.81 7.95
CA TYR B 358 6.78 -30.93 8.72
C TYR B 358 5.34 -31.29 8.41
N ASP B 359 4.61 -31.56 9.47
CA ASP B 359 3.21 -31.91 9.35
C ASP B 359 2.38 -30.94 10.20
N TYR B 360 2.10 -29.77 9.63
CA TYR B 360 1.55 -28.67 10.41
C TYR B 360 0.04 -28.76 10.45
N LEU B 361 -0.52 -28.59 11.64
CA LEU B 361 -1.95 -28.35 11.84
C LEU B 361 -2.13 -26.85 12.23
N PRO B 362 -2.80 -26.06 11.37
CA PRO B 362 -2.96 -24.64 11.70
C PRO B 362 -3.67 -24.38 12.99
N TYR B 363 -3.15 -23.43 13.77
CA TYR B 363 -3.60 -23.14 15.09
C TYR B 363 -3.53 -21.62 15.21
N PHE B 364 -4.71 -21.00 15.19
CA PHE B 364 -4.88 -19.53 15.30
C PHE B 364 -5.65 -19.25 16.56
N TYR B 365 -5.39 -18.09 17.16
CA TYR B 365 -6.06 -17.73 18.35
C TYR B 365 -6.05 -16.26 18.57
N SER B 366 -6.97 -15.77 19.41
CA SER B 366 -6.89 -14.36 19.88
C SER B 366 -7.64 -14.22 21.17
N ARG B 367 -7.27 -13.24 21.95
CA ARG B 367 -7.98 -13.01 23.19
C ARG B 367 -7.98 -11.54 23.48
N SER B 368 -9.12 -11.03 23.98
CA SER B 368 -9.26 -9.63 24.42
C SER B 368 -10.41 -9.56 25.39
N PHE B 369 -10.48 -8.48 26.15
CA PHE B 369 -11.52 -8.37 27.20
C PHE B 369 -11.49 -9.67 28.03
N ASP B 370 -12.64 -10.32 28.31
CA ASP B 370 -12.68 -11.63 28.99
C ASP B 370 -12.96 -12.79 28.02
N LEU B 371 -12.61 -12.60 26.74
CA LEU B 371 -12.78 -13.58 25.72
C LEU B 371 -11.47 -14.24 25.33
N GLY B 372 -11.58 -15.44 24.74
CA GLY B 372 -10.49 -16.02 24.07
C GLY B 372 -10.97 -17.21 23.29
N TRP B 373 -10.57 -17.25 22.02
CA TRP B 373 -10.93 -18.32 21.09
C TRP B 373 -9.71 -18.98 20.45
N GLN B 374 -9.92 -20.18 19.91
CA GLN B 374 -8.89 -20.94 19.14
C GLN B 374 -9.57 -21.55 17.94
N PHE B 375 -8.83 -21.64 16.86
CA PHE B 375 -9.22 -22.24 15.66
C PHE B 375 -8.15 -23.21 15.26
N TYR B 376 -8.57 -24.35 14.74
CA TYR B 376 -7.67 -25.31 14.16
C TYR B 376 -8.20 -25.78 12.83
N GLY B 377 -7.26 -26.03 11.95
CA GLY B 377 -7.46 -26.71 10.70
C GLY B 377 -7.50 -25.78 9.49
N ASP B 378 -8.53 -25.95 8.67
CA ASP B 378 -8.70 -25.15 7.48
C ASP B 378 -10.13 -24.71 7.39
N ASN B 379 -10.28 -23.45 7.06
CA ASN B 379 -11.60 -22.80 6.99
C ASN B 379 -12.17 -22.83 5.58
N VAL B 380 -12.64 -24.00 5.19
CA VAL B 380 -13.19 -24.21 3.85
C VAL B 380 -14.43 -25.05 3.96
N GLY B 381 -15.41 -24.79 3.12
CA GLY B 381 -16.62 -25.61 3.15
C GLY B 381 -17.77 -24.84 3.67
N ASP B 382 -18.76 -25.54 4.16
CA ASP B 382 -19.90 -24.86 4.74
C ASP B 382 -19.75 -24.89 6.26
N THR B 383 -20.32 -23.91 6.94
CA THR B 383 -20.11 -23.71 8.35
C THR B 383 -21.36 -23.85 9.14
N ILE B 384 -21.24 -24.42 10.33
CA ILE B 384 -22.32 -24.47 11.29
C ILE B 384 -21.85 -23.93 12.64
N LEU B 385 -22.77 -23.30 13.35
CA LEU B 385 -22.51 -22.59 14.58
C LEU B 385 -23.25 -23.27 15.69
N PHE B 386 -22.51 -23.65 16.74
CA PHE B 386 -23.01 -24.45 17.85
C PHE B 386 -22.74 -23.77 19.18
N GLY B 387 -23.60 -24.04 20.16
CA GLY B 387 -23.40 -23.66 21.54
C GLY B 387 -24.10 -22.39 21.93
N ASP B 388 -23.55 -21.70 22.91
CA ASP B 388 -24.10 -20.49 23.47
C ASP B 388 -23.38 -19.25 22.89
N SER B 389 -23.96 -18.64 21.90
CA SER B 389 -23.34 -17.47 21.25
C SER B 389 -24.01 -16.14 21.57
N ASP B 390 -24.57 -16.06 22.78
CA ASP B 390 -25.23 -14.89 23.25
C ASP B 390 -24.09 -14.08 23.82
N PRO B 391 -23.90 -12.83 23.32
CA PRO B 391 -22.78 -12.01 23.80
C PRO B 391 -23.00 -11.48 25.22
N THR B 392 -24.22 -11.57 25.72
CA THR B 392 -24.47 -11.20 27.13
C THR B 392 -24.38 -12.39 28.10
N SER B 393 -24.14 -13.62 27.65
CA SER B 393 -23.84 -14.75 28.59
C SER B 393 -22.64 -14.45 29.50
N ALA B 394 -22.66 -15.03 30.70
CA ALA B 394 -21.68 -14.77 31.72
C ALA B 394 -20.32 -15.24 31.24
N LYS B 395 -20.30 -16.45 30.68
CA LYS B 395 -19.09 -17.07 30.15
C LYS B 395 -19.45 -17.73 28.81
N PRO B 396 -19.49 -16.93 27.74
CA PRO B 396 -19.80 -17.49 26.44
C PRO B 396 -18.95 -18.67 26.06
N LYS B 397 -19.61 -19.68 25.52
CA LYS B 397 -18.93 -20.82 24.98
C LYS B 397 -19.72 -21.29 23.77
N PHE B 398 -19.17 -20.98 22.61
CA PHE B 398 -19.69 -21.44 21.32
C PHE B 398 -18.58 -21.80 20.36
N GLY B 399 -18.94 -22.51 19.29
CA GLY B 399 -17.96 -22.98 18.37
C GLY B 399 -18.53 -23.06 16.98
N SER B 400 -17.69 -23.43 16.04
CA SER B 400 -18.15 -23.59 14.70
C SER B 400 -17.32 -24.66 14.03
N TYR B 401 -17.95 -25.40 13.12
CA TYR B 401 -17.20 -26.32 12.29
C TYR B 401 -17.31 -25.93 10.81
N TRP B 402 -16.26 -26.20 10.08
CA TRP B 402 -16.25 -26.07 8.63
C TRP B 402 -16.30 -27.47 8.09
N ILE B 403 -17.29 -27.76 7.25
CA ILE B 403 -17.45 -29.12 6.66
C ILE B 403 -17.27 -29.03 5.15
N LYS B 404 -16.36 -29.84 4.59
CA LYS B 404 -16.14 -29.92 3.13
C LYS B 404 -16.10 -31.38 2.67
N ASP B 405 -16.84 -31.71 1.60
CA ASP B 405 -16.87 -33.07 1.07
C ASP B 405 -17.16 -34.08 2.17
N GLY B 406 -18.15 -33.79 3.00
CA GLY B 406 -18.52 -34.68 4.08
C GLY B 406 -17.50 -34.95 5.19
N LYS B 407 -16.47 -34.11 5.32
CA LYS B 407 -15.47 -34.28 6.38
C LYS B 407 -15.28 -32.95 7.13
N VAL B 408 -15.08 -33.00 8.45
CA VAL B 408 -14.82 -31.74 9.20
C VAL B 408 -13.37 -31.28 8.94
N LEU B 409 -13.19 -30.11 8.34
CA LEU B 409 -11.83 -29.63 8.02
C LEU B 409 -11.32 -28.54 8.98
N GLY B 410 -12.24 -27.76 9.55
CA GLY B 410 -11.89 -26.67 10.46
C GLY B 410 -12.73 -26.69 11.71
N ALA B 411 -12.17 -26.19 12.80
CA ALA B 411 -12.95 -26.05 14.00
C ALA B 411 -12.54 -24.81 14.80
N PHE B 412 -13.53 -24.15 15.34
CA PHE B 412 -13.40 -22.92 16.13
C PHE B 412 -14.07 -23.12 17.45
N LEU B 413 -13.50 -22.52 18.52
CA LEU B 413 -14.16 -22.56 19.83
C LEU B 413 -13.82 -21.32 20.64
N GLU B 414 -14.83 -20.60 21.09
CA GLU B 414 -14.66 -19.49 22.01
C GLU B 414 -14.97 -20.03 23.39
N GLY B 415 -14.11 -19.74 24.36
CA GLY B 415 -14.42 -20.03 25.73
C GLY B 415 -14.19 -21.45 26.19
N GLY B 416 -13.41 -22.21 25.45
CA GLY B 416 -13.15 -23.62 25.79
C GLY B 416 -12.17 -23.80 26.94
N SER B 417 -12.31 -24.93 27.63
CA SER B 417 -11.30 -25.40 28.59
C SER B 417 -10.11 -25.96 27.83
N PRO B 418 -9.01 -26.25 28.55
CA PRO B 418 -7.92 -26.83 27.79
C PRO B 418 -8.30 -28.17 27.10
N ASP B 419 -9.08 -28.98 27.77
CA ASP B 419 -9.49 -30.30 27.22
C ASP B 419 -10.38 -30.12 25.99
N GLU B 420 -11.28 -29.14 26.08
CA GLU B 420 -12.21 -28.82 24.94
C GLU B 420 -11.44 -28.33 23.75
N ASN B 421 -10.43 -27.47 24.01
CA ASN B 421 -9.50 -27.00 22.99
C ASN B 421 -8.71 -28.12 22.37
N LYS B 422 -8.23 -29.04 23.21
CA LYS B 422 -7.51 -30.18 22.69
C LYS B 422 -8.41 -31.07 21.78
N ALA B 423 -9.63 -31.21 22.22
CA ALA B 423 -10.67 -31.97 21.54
C ALA B 423 -10.98 -31.39 20.17
N ILE B 424 -11.17 -30.08 20.06
CA ILE B 424 -11.30 -29.50 18.69
C ILE B 424 -10.11 -29.59 17.75
N ALA B 425 -8.90 -29.44 18.25
CA ALA B 425 -7.73 -29.70 17.48
C ALA B 425 -7.73 -31.13 16.91
N LYS B 426 -8.12 -32.10 17.74
CA LYS B 426 -8.18 -33.50 17.31
C LYS B 426 -9.16 -33.72 16.13
N VAL B 427 -10.29 -33.05 16.22
CA VAL B 427 -11.30 -33.06 15.15
C VAL B 427 -10.66 -32.50 13.89
N ALA B 428 -10.05 -31.32 14.01
CA ALA B 428 -9.39 -30.70 12.86
C ALA B 428 -8.31 -31.58 12.31
N LYS B 429 -7.62 -32.29 13.21
CA LYS B 429 -6.51 -33.11 12.73
C LYS B 429 -6.99 -34.38 12.04
N THR B 430 -8.00 -35.03 12.62
CA THR B 430 -8.40 -36.35 12.15
C THR B 430 -9.48 -36.29 11.10
N GLN B 431 -10.13 -35.14 10.98
CA GLN B 431 -11.13 -34.90 9.98
C GLN B 431 -12.22 -35.99 9.94
N PRO B 432 -12.99 -36.14 11.02
CA PRO B 432 -13.99 -37.20 11.03
C PRO B 432 -15.05 -37.03 9.95
N PRO B 433 -15.63 -38.17 9.48
CA PRO B 433 -16.71 -38.04 8.53
C PRO B 433 -17.93 -37.42 9.15
N VAL B 434 -18.64 -36.67 8.32
CA VAL B 434 -19.93 -36.13 8.66
C VAL B 434 -20.80 -36.27 7.42
N ALA B 435 -21.85 -37.07 7.54
CA ALA B 435 -23.03 -36.96 6.70
C ALA B 435 -24.05 -36.65 7.77
N ASN B 436 -24.95 -35.69 7.51
CA ASN B 436 -25.93 -35.11 8.48
C ASN B 436 -25.44 -33.75 8.97
N ILE B 437 -25.99 -33.29 10.09
CA ILE B 437 -25.39 -32.21 10.87
C ILE B 437 -25.81 -32.36 12.33
N LYS B 441 -25.68 -28.15 14.22
CA LYS B 441 -25.52 -29.60 14.30
C LYS B 441 -25.98 -30.12 15.63
N LYS B 442 -26.96 -31.03 15.61
CA LYS B 442 -27.17 -31.98 16.73
C LYS B 442 -25.83 -32.64 17.13
N GLU B 443 -25.34 -32.26 18.33
CA GLU B 443 -24.14 -32.76 19.06
C GLU B 443 -23.33 -31.57 19.61
N GLY B 444 -23.08 -30.58 18.75
CA GLY B 444 -22.31 -29.37 19.12
C GLY B 444 -20.89 -29.65 19.58
N LEU B 445 -20.57 -29.22 20.80
CA LEU B 445 -19.23 -29.41 21.34
C LEU B 445 -19.00 -30.84 21.78
N GLN B 446 -20.10 -31.56 22.05
CA GLN B 446 -19.98 -32.95 22.44
C GLN B 446 -19.44 -33.80 21.28
N PHE B 447 -19.69 -33.37 20.05
CA PHE B 447 -19.11 -34.04 18.93
C PHE B 447 -17.59 -34.20 19.11
N ALA B 448 -16.91 -33.10 19.49
CA ALA B 448 -15.44 -33.11 19.70
C ALA B 448 -15.00 -34.02 20.86
N SER B 449 -15.75 -34.01 21.95
CA SER B 449 -15.32 -34.61 23.20
C SER B 449 -15.33 -36.16 23.26
N LYS B 450 -15.64 -36.86 22.16
CA LYS B 450 -15.71 -38.34 22.14
C LYS B 450 -14.70 -38.99 21.18
PA FAD C . -0.07 5.78 -17.19
O1A FAD C . 1.15 6.62 -17.45
O2A FAD C . -0.38 5.45 -15.71
O5B FAD C . 0.26 4.29 -17.66
C5B FAD C . 0.92 3.97 -18.93
C4B FAD C . 1.55 2.59 -18.91
O4B FAD C . 1.84 2.25 -20.35
C3B FAD C . 2.84 2.60 -18.18
O3B FAD C . 3.00 1.44 -17.35
C2B FAD C . 3.82 2.82 -19.38
O2B FAD C . 5.12 2.53 -19.01
C1B FAD C . 3.19 1.79 -20.31
N9A FAD C . 3.57 1.86 -21.75
C8A FAD C . 3.46 2.88 -22.58
N7A FAD C . 3.86 2.50 -23.84
C5A FAD C . 4.20 1.23 -23.75
C6A FAD C . 4.69 0.19 -24.68
N6A FAD C . 4.91 0.55 -25.95
N1A FAD C . 4.95 -1.03 -24.17
C2A FAD C . 4.70 -1.42 -22.90
N3A FAD C . 4.23 -0.52 -21.97
C4A FAD C . 3.96 0.76 -22.39
N1 FAD C . -3.29 13.40 -11.89
C2 FAD C . -4.16 13.84 -10.91
O2 FAD C . -5.34 14.06 -11.24
N3 FAD C . -3.72 14.11 -9.66
C4 FAD C . -2.47 13.98 -9.28
O4 FAD C . -2.07 14.13 -8.07
C4X FAD C . -1.51 13.51 -10.28
N5 FAD C . -0.21 13.33 -10.00
C5X FAD C . 0.70 12.93 -10.93
C6 FAD C . 2.04 12.75 -10.62
C7 FAD C . 2.95 12.36 -11.60
C7M FAD C . 4.39 12.14 -11.31
C8 FAD C . 2.48 12.06 -12.95
C8M FAD C . 3.46 11.58 -13.98
C9 FAD C . 1.16 12.21 -13.26
C9A FAD C . 0.21 12.58 -12.26
N10 FAD C . -1.14 12.75 -12.59
C10 FAD C . -2.05 13.21 -11.60
C1' FAD C . -1.76 12.39 -13.85
C2' FAD C . -2.08 10.84 -13.76
O2' FAD C . -1.09 10.05 -13.05
C3' FAD C . -2.34 10.29 -15.20
O3' FAD C . -3.42 10.99 -15.72
C4' FAD C . -2.59 8.77 -15.25
O4' FAD C . -1.41 8.08 -14.73
C5' FAD C . -2.97 8.20 -16.60
O5' FAD C . -3.12 6.81 -16.45
P FAD C . -2.88 5.91 -17.81
O1P FAD C . -3.60 6.66 -18.84
O2P FAD C . -3.14 4.53 -17.45
O3P FAD C . -1.28 6.27 -18.00
PA NDP D . 1.50 20.53 -17.53
O1A NDP D . 0.95 20.45 -18.91
O2A NDP D . 0.52 20.47 -16.39
O5B NDP D . 2.33 21.83 -17.27
C5B NDP D . 3.54 22.13 -17.94
C4B NDP D . 3.74 23.62 -18.04
O4B NDP D . 5.07 23.90 -18.56
C3B NDP D . 2.72 24.24 -19.00
O3B NDP D . 2.27 25.52 -18.48
C2B NDP D . 3.52 24.41 -20.27
O2B NDP D . 3.02 25.38 -21.11
C1B NDP D . 4.84 24.84 -19.62
N9A NDP D . 5.94 24.86 -20.56
C8A NDP D . 5.94 24.43 -21.87
N7A NDP D . 7.15 24.56 -22.38
C5A NDP D . 7.93 25.11 -21.40
C6A NDP D . 9.34 25.49 -21.30
N6A NDP D . 10.07 25.30 -22.40
N1A NDP D . 9.84 25.91 -20.16
C2A NDP D . 9.06 26.07 -19.07
N3A NDP D . 7.75 25.74 -19.05
C4A NDP D . 7.15 25.27 -20.20
O3 NDP D . 2.59 19.36 -17.40
PN NDP D . 3.48 18.78 -16.19
O1N NDP D . 4.79 18.53 -16.78
O2N NDP D . 3.37 19.68 -14.95
O5D NDP D . 2.83 17.33 -15.98
C5D NDP D . 2.99 16.19 -16.80
C4D NDP D . 1.71 15.36 -16.74
O4D NDP D . 1.59 14.84 -15.39
C3D NDP D . 0.45 16.11 -17.09
O3D NDP D . -0.41 15.29 -17.94
C2D NDP D . -0.15 16.40 -15.74
O2D NDP D . -1.61 16.51 -15.83
C1D NDP D . 0.31 15.29 -14.89
N1N NDP D . 0.43 15.67 -13.46
C2N NDP D . -0.69 16.03 -12.84
C3N NDP D . -0.66 16.35 -11.45
C7N NDP D . -1.93 16.74 -10.76
O7N NDP D . -2.01 17.04 -9.56
N7N NDP D . -2.99 16.68 -11.49
C4N NDP D . 0.63 16.31 -10.70
C5N NDP D . 1.79 15.93 -11.51
C6N NDP D . 1.65 15.64 -12.85
P2B NDP D . 2.08 24.99 -22.37
O1X NDP D . 2.88 24.11 -23.31
O2X NDP D . 0.87 24.20 -21.83
O3X NDP D . 1.78 26.40 -22.82
PA NDP E . -4.20 -8.98 9.08
O1A NDP E . -4.51 -10.14 9.98
O2A NDP E . -3.80 -9.33 7.67
O5B NDP E . -5.61 -8.15 8.97
C5B NDP E . -5.59 -6.80 8.38
C4B NDP E . -6.98 -6.61 7.71
O4B NDP E . -7.08 -5.25 7.24
C3B NDP E . -7.18 -7.54 6.48
O3B NDP E . -8.45 -8.18 6.53
C2B NDP E . -6.99 -6.51 5.32
O2B NDP E . -7.46 -6.88 4.00
C1B NDP E . -7.69 -5.33 5.94
N9A NDP E . -7.40 -4.04 5.28
C8A NDP E . -6.57 -3.88 4.24
N7A NDP E . -6.52 -2.59 3.92
C5A NDP E . -7.32 -1.93 4.78
C6A NDP E . -7.72 -0.56 5.00
N6A NDP E . -7.19 0.43 4.22
N1A NDP E . -8.54 -0.29 6.02
C2A NDP E . -9.04 -1.25 6.87
N3A NDP E . -8.78 -2.49 6.66
C4A NDP E . -7.93 -2.92 5.67
O3 NDP E . -3.13 -7.96 9.65
PN NDP E . -3.02 -7.22 11.06
O1N NDP E . -2.52 -5.86 10.81
O2N NDP E . -4.29 -7.36 11.90
O5D NDP E . -1.84 -8.02 11.79
C5D NDP E . -0.48 -7.82 11.39
C4D NDP E . 0.27 -9.15 11.53
O4D NDP E . 0.39 -9.51 12.93
C3D NDP E . -0.30 -10.36 10.80
O3D NDP E . 0.79 -11.18 10.30
C2D NDP E . -1.11 -11.04 11.83
O2D NDP E . -1.19 -12.45 11.75
C1D NDP E . -0.26 -10.73 13.04
N1N NDP E . -1.07 -10.66 14.28
C2N NDP E . -1.66 -11.79 14.67
C3N NDP E . -2.45 -11.82 15.83
C7N NDP E . -3.05 -13.10 16.27
O7N NDP E . -2.96 -14.14 15.59
N7N NDP E . -3.76 -13.12 17.43
C4N NDP E . -2.58 -10.64 16.72
C5N NDP E . -1.91 -9.49 16.17
C6N NDP E . -1.17 -9.53 14.99
P2B NDP E . -6.71 -8.07 3.17
O1X NDP E . -6.99 -9.42 3.84
O2X NDP E . -5.24 -7.82 3.14
O3X NDP E . -7.33 -8.06 1.83
PA FAD F . 9.37 -11.89 14.08
O1A FAD F . 9.06 -12.32 15.46
O2A FAD F . 8.87 -10.60 13.53
O5B FAD F . 10.98 -11.69 14.18
C5B FAD F . 11.67 -11.05 13.09
C4B FAD F . 12.99 -10.51 13.65
O4B FAD F . 13.88 -10.18 12.57
C3B FAD F . 12.84 -9.25 14.45
O3B FAD F . 13.62 -9.27 15.65
C2B FAD F . 13.20 -8.15 13.45
O2B FAD F . 13.50 -6.89 14.03
C1B FAD F . 14.39 -8.89 12.83
N9A FAD F . 14.82 -8.37 11.53
C8A FAD F . 14.11 -8.25 10.40
N7A FAD F . 14.90 -7.81 9.40
C5A FAD F . 16.12 -7.72 9.93
C6A FAD F . 17.43 -7.35 9.41
N6A FAD F . 17.51 -6.99 8.12
N1A FAD F . 18.47 -7.32 10.24
C2A FAD F . 18.38 -7.72 11.52
N3A FAD F . 17.20 -8.12 12.08
C4A FAD F . 16.08 -8.09 11.30
N1 FAD F . 0.26 -14.67 16.21
C2 FAD F . -0.55 -15.53 16.87
O2 FAD F . -0.72 -16.67 16.38
N3 FAD F . -1.11 -15.19 18.02
C4 FAD F . -1.04 -13.97 18.52
O4 FAD F . -1.58 -13.65 19.60
C4X FAD F . -0.22 -12.97 17.87
N5 FAD F . -0.06 -11.68 18.33
C5X FAD F . 0.68 -10.78 17.64
C6 FAD F . 0.84 -9.49 18.12
C7 FAD F . 1.61 -8.57 17.44
C7M FAD F . 1.76 -7.16 17.90
C8 FAD F . 2.25 -8.99 16.20
C8M FAD F . 3.03 -7.92 15.47
C9 FAD F . 2.11 -10.28 15.70
C9A FAD F . 1.36 -11.22 16.41
N10 FAD F . 1.19 -12.55 15.95
C10 FAD F . 0.44 -13.44 16.66
C1' FAD F . 1.89 -13.13 14.77
C2' FAD F . 3.32 -13.59 15.35
O2' FAD F . 3.89 -12.87 16.44
C3' FAD F . 4.34 -13.75 14.24
O3' FAD F . 3.84 -14.82 13.41
C4' FAD F . 5.77 -14.14 14.73
O4' FAD F . 6.37 -13.10 15.45
C5' FAD F . 6.64 -14.58 13.56
O5' FAD F . 7.93 -14.90 14.08
P FAD F . 9.21 -14.60 13.13
O1P FAD F . 10.39 -15.00 13.99
O2P FAD F . 9.04 -15.16 11.77
O3P FAD F . 9.20 -12.99 12.95
#